data_8YQQ
#
_entry.id   8YQQ
#
_cell.length_a   1.00
_cell.length_b   1.00
_cell.length_c   1.00
_cell.angle_alpha   90.00
_cell.angle_beta   90.00
_cell.angle_gamma   90.00
#
_symmetry.space_group_name_H-M   'P 1'
#
loop_
_entity.id
_entity.type
_entity.pdbx_description
1 polymer 'Spike protein S1'
2 polymer 'Transmembrane protease serine 2'
3 non-polymer 2-acetamido-2-deoxy-beta-D-glucopyranose
#
loop_
_entity_poly.entity_id
_entity_poly.type
_entity_poly.pdbx_seq_one_letter_code
_entity_poly.pdbx_strand_id
1 'polypeptide(L)'
;NLPDCDIDNWLNNVSVPSPLNWERRIFSNCNFNLSTLLRLVHVDSFSCNNLDKSKIFGSCFNSITVDKFAIPNRRRDDLQ
LGSSGFLQSSNYKIDISSSSCQLYYSLPLVNVTINNFNPSSWNRRYGFGSFNLSSYDVVYSDHCFSVNSDFCPCADPSVV
NSCAKSKPPSAICPAGTKYRHCDLDTTLYVKNWCRCSCLPDPISTYSPNTCPQKKVVVGIGEHCPGLGINEEKCGTQLNH
SSCFCSPDAFLGWSFDSCISNNRCNIFSNFIFNGINSGTTCSNDL
;
A
2 'polypeptide(L)'
;MGSKCSNSGIECDSSGTCINPSNWCDGVSHCPGGEDENRCVRLYGPNFILQVYSSQRKSWHPVCQDDWNENYGRAACRDM
GYKNNFYSSQGIVDDSGSTSFMKLNTSAGNVDIYKKLYHSDACSSKAVVSLRCIACGVNLNSSRQSRIVGGESALPGAWP
WQVSLHVQNVHVCGGSIITPEWIVTAAHCVEKPLNNPWHWTAFAGILRQSFMFYGAGYQVEKVISHPNYDSKTKNNDIAL
MKLQKPLTFNDLVKPVCLPNPGMMLQPEQLCWISGWGATEEKGKTSEVLNAAKVLLIETQRCNSRYVYDNLITPAMICAG
FLQGNVDSCQGDAGGPLVTSKNNIWWLIGDTSWGSGCAKAYRPGVYGNVMVFTDWIYRQMRADG
;
B
#
loop_
_chem_comp.id
_chem_comp.type
_chem_comp.name
_chem_comp.formula
NAG D-saccharide, beta linking 2-acetamido-2-deoxy-beta-D-glucopyranose 'C8 H15 N O6'
#
# COMPACT_ATOMS: atom_id res chain seq x y z
N ASN A 1 -67.58 -7.42 -10.27
CA ASN A 1 -67.74 -6.67 -9.04
C ASN A 1 -66.41 -6.54 -8.31
N LEU A 2 -65.43 -7.33 -8.74
CA LEU A 2 -64.13 -7.32 -8.11
C LEU A 2 -63.39 -6.02 -8.46
N PRO A 3 -62.81 -5.33 -7.48
CA PRO A 3 -62.27 -3.98 -7.73
C PRO A 3 -60.96 -4.01 -8.51
N ASP A 4 -60.43 -2.82 -8.76
CA ASP A 4 -59.20 -2.61 -9.51
C ASP A 4 -58.03 -2.39 -8.56
N CYS A 5 -56.84 -2.80 -9.01
CA CYS A 5 -55.65 -2.62 -8.19
C CYS A 5 -55.22 -1.17 -8.12
N ASP A 6 -55.46 -0.41 -9.20
CA ASP A 6 -55.02 0.98 -9.34
C ASP A 6 -53.52 1.07 -9.11
N ILE A 7 -52.78 0.27 -9.89
CA ILE A 7 -51.32 0.32 -9.83
C ILE A 7 -50.80 1.65 -10.34
N ASP A 8 -51.46 2.21 -11.36
CA ASP A 8 -51.05 3.49 -11.94
C ASP A 8 -51.09 4.63 -10.94
N ASN A 9 -52.04 4.59 -10.01
CA ASN A 9 -52.11 5.62 -8.97
C ASN A 9 -50.90 5.54 -8.03
N TRP A 10 -50.39 4.33 -7.78
CA TRP A 10 -49.23 4.21 -6.90
C TRP A 10 -47.94 4.74 -7.53
N LEU A 11 -47.71 4.48 -8.82
CA LEU A 11 -46.50 5.03 -9.44
C LEU A 11 -46.59 6.54 -9.60
N ASN A 12 -47.76 7.07 -9.96
CA ASN A 12 -47.91 8.50 -10.18
C ASN A 12 -48.18 9.27 -8.89
N ASN A 13 -47.82 8.70 -7.75
CA ASN A 13 -47.95 9.39 -6.48
C ASN A 13 -46.92 10.51 -6.38
N VAL A 14 -47.24 11.51 -5.57
CA VAL A 14 -46.35 12.67 -5.44
C VAL A 14 -45.04 12.28 -4.76
N SER A 15 -45.07 11.27 -3.88
CA SER A 15 -43.87 10.81 -3.20
C SER A 15 -43.09 9.86 -4.10
N VAL A 16 -41.88 10.25 -4.48
CA VAL A 16 -41.02 9.46 -5.36
C VAL A 16 -39.82 9.02 -4.54
N PRO A 17 -39.52 7.73 -4.48
CA PRO A 17 -38.40 7.27 -3.65
C PRO A 17 -37.06 7.28 -4.37
N SER A 18 -36.04 6.79 -3.69
CA SER A 18 -34.67 6.68 -4.15
C SER A 18 -34.26 5.21 -4.18
N PRO A 19 -33.24 4.84 -4.95
CA PRO A 19 -32.79 3.44 -4.95
C PRO A 19 -32.31 2.93 -3.60
N LEU A 20 -31.90 3.83 -2.69
CA LEU A 20 -31.57 3.40 -1.34
C LEU A 20 -32.80 2.92 -0.57
N ASN A 21 -33.94 3.58 -0.76
CA ASN A 21 -35.14 3.25 0.02
C ASN A 21 -36.28 2.78 -0.88
N TRP A 22 -36.01 1.86 -1.80
CA TRP A 22 -37.07 1.31 -2.63
C TRP A 22 -38.07 0.54 -1.78
N GLU A 23 -39.34 0.70 -2.11
CA GLU A 23 -40.42 0.01 -1.39
C GLU A 23 -40.93 -1.19 -2.18
N ARG A 24 -42.01 -1.79 -1.66
CA ARG A 24 -42.61 -2.99 -2.23
C ARG A 24 -44.08 -3.01 -1.85
N ARG A 25 -44.94 -3.18 -2.85
CA ARG A 25 -46.37 -3.29 -2.63
C ARG A 25 -46.85 -4.59 -3.26
N ILE A 26 -47.29 -5.52 -2.42
CA ILE A 26 -47.76 -6.83 -2.88
C ILE A 26 -49.21 -6.70 -3.35
N PHE A 27 -49.40 -6.42 -4.63
CA PHE A 27 -50.74 -6.33 -5.18
C PHE A 27 -51.38 -7.71 -5.24
N SER A 28 -52.60 -7.82 -4.73
CA SER A 28 -53.26 -9.12 -4.70
C SER A 28 -54.77 -8.91 -4.66
N ASN A 29 -55.49 -9.84 -5.30
CA ASN A 29 -56.95 -9.93 -5.26
C ASN A 29 -57.61 -8.65 -5.77
N CYS A 30 -57.17 -8.19 -6.94
CA CYS A 30 -57.74 -7.01 -7.59
C CYS A 30 -57.47 -7.06 -9.09
N ASN A 31 -58.19 -6.20 -9.82
CA ASN A 31 -58.10 -6.11 -11.27
C ASN A 31 -57.02 -5.13 -11.71
N PHE A 32 -56.69 -5.17 -12.99
CA PHE A 32 -55.88 -4.14 -13.64
C PHE A 32 -56.05 -4.27 -15.14
N ASN A 33 -55.35 -3.43 -15.89
CA ASN A 33 -55.33 -3.52 -17.35
C ASN A 33 -54.02 -2.94 -17.84
N LEU A 34 -53.24 -3.73 -18.58
CA LEU A 34 -51.92 -3.30 -19.02
C LEU A 34 -52.00 -2.17 -20.05
N SER A 35 -53.10 -2.10 -20.80
CA SER A 35 -53.32 -0.97 -21.70
C SER A 35 -53.48 0.33 -20.91
N THR A 36 -54.26 0.30 -19.82
CA THR A 36 -54.40 1.49 -18.99
C THR A 36 -53.12 1.82 -18.25
N LEU A 37 -52.35 0.81 -17.86
CA LEU A 37 -51.04 1.07 -17.26
C LEU A 37 -50.06 1.65 -18.27
N LEU A 38 -50.18 1.28 -19.54
CA LEU A 38 -49.31 1.84 -20.56
C LEU A 38 -49.74 3.24 -20.96
N ARG A 39 -51.02 3.56 -20.87
CA ARG A 39 -51.53 4.86 -21.32
C ARG A 39 -51.45 5.92 -20.23
N LEU A 40 -51.98 5.61 -19.03
CA LEU A 40 -51.98 6.58 -17.93
C LEU A 40 -50.60 6.86 -17.37
N VAL A 41 -49.60 6.05 -17.71
CA VAL A 41 -48.22 6.26 -17.28
C VAL A 41 -47.38 6.54 -18.52
N HIS A 42 -46.66 7.66 -18.51
CA HIS A 42 -45.86 8.08 -19.66
C HIS A 42 -44.60 7.22 -19.67
N VAL A 43 -44.62 6.17 -20.48
CA VAL A 43 -43.59 5.14 -20.43
C VAL A 43 -42.40 5.58 -21.28
N ASP A 44 -41.20 5.50 -20.69
CA ASP A 44 -39.99 5.68 -21.48
C ASP A 44 -39.66 4.41 -22.25
N SER A 45 -39.62 3.27 -21.57
CA SER A 45 -39.43 1.97 -22.20
C SER A 45 -40.00 0.90 -21.29
N PHE A 46 -40.33 -0.24 -21.88
CA PHE A 46 -41.00 -1.34 -21.18
C PHE A 46 -40.46 -2.66 -21.69
N SER A 47 -39.87 -3.45 -20.80
CA SER A 47 -39.29 -4.73 -21.17
C SER A 47 -39.67 -5.77 -20.13
N CYS A 48 -39.67 -7.04 -20.57
CA CYS A 48 -40.03 -8.16 -19.72
C CYS A 48 -39.02 -9.28 -19.88
N ASN A 49 -38.68 -9.93 -18.76
CA ASN A 49 -37.80 -11.08 -18.75
C ASN A 49 -38.48 -12.25 -18.07
N ASN A 50 -38.17 -13.46 -18.56
CA ASN A 50 -38.71 -14.74 -18.10
C ASN A 50 -40.23 -14.79 -18.19
N LEU A 51 -40.83 -13.92 -19.00
CA LEU A 51 -42.28 -13.84 -19.16
C LEU A 51 -42.59 -13.01 -20.40
N ASP A 52 -43.43 -13.54 -21.28
CA ASP A 52 -43.70 -12.86 -22.53
C ASP A 52 -44.57 -11.64 -22.28
N LYS A 53 -44.20 -10.51 -22.90
CA LYS A 53 -44.97 -9.28 -22.76
C LYS A 53 -46.35 -9.44 -23.38
N SER A 54 -46.44 -10.11 -24.52
CA SER A 54 -47.72 -10.32 -25.18
C SER A 54 -48.61 -11.30 -24.44
N LYS A 55 -48.06 -12.12 -23.54
CA LYS A 55 -48.84 -13.10 -22.79
C LYS A 55 -49.38 -12.56 -21.48
N ILE A 56 -49.11 -11.30 -21.14
CA ILE A 56 -49.74 -10.70 -19.97
C ILE A 56 -51.23 -10.52 -20.20
N PHE A 57 -51.63 -10.27 -21.46
CA PHE A 57 -53.03 -10.10 -21.81
C PHE A 57 -53.78 -11.41 -21.62
N GLY A 58 -54.61 -11.47 -20.59
CA GLY A 58 -55.46 -12.62 -20.32
C GLY A 58 -54.93 -13.56 -19.26
N SER A 59 -53.63 -13.87 -19.32
CA SER A 59 -53.00 -14.64 -18.25
C SER A 59 -52.79 -13.76 -17.04
N CYS A 60 -52.89 -14.36 -15.85
CA CYS A 60 -52.87 -13.57 -14.64
C CYS A 60 -52.08 -14.26 -13.54
N PHE A 61 -52.02 -13.59 -12.39
CA PHE A 61 -50.95 -13.70 -11.42
C PHE A 61 -51.54 -13.87 -10.03
N ASN A 62 -50.76 -14.47 -9.13
CA ASN A 62 -51.21 -14.61 -7.75
C ASN A 62 -50.91 -13.33 -6.97
N SER A 63 -49.67 -12.86 -7.04
CA SER A 63 -49.29 -11.63 -6.36
C SER A 63 -48.14 -10.99 -7.11
N ILE A 64 -48.18 -9.67 -7.26
CA ILE A 64 -47.20 -8.92 -8.01
C ILE A 64 -46.44 -8.04 -7.03
N THR A 65 -45.15 -8.31 -6.88
CA THR A 65 -44.26 -7.48 -6.06
C THR A 65 -43.81 -6.29 -6.89
N VAL A 66 -44.36 -5.11 -6.60
CA VAL A 66 -44.13 -3.91 -7.40
C VAL A 66 -43.18 -3.01 -6.62
N ASP A 67 -42.01 -2.75 -7.20
CA ASP A 67 -41.01 -1.87 -6.62
C ASP A 67 -40.85 -0.62 -7.47
N LYS A 68 -40.49 0.49 -6.83
CA LYS A 68 -40.21 1.72 -7.56
C LYS A 68 -39.11 2.50 -6.88
N PHE A 69 -38.35 3.25 -7.68
CA PHE A 69 -37.30 4.16 -7.23
C PHE A 69 -36.83 4.98 -8.42
N ALA A 70 -36.35 6.18 -8.13
CA ALA A 70 -35.96 7.13 -9.17
C ALA A 70 -34.59 6.79 -9.74
N ILE A 71 -34.35 7.29 -10.96
CA ILE A 71 -33.15 6.99 -11.73
C ILE A 71 -32.23 8.20 -11.66
N PRO A 72 -31.02 8.08 -11.14
CA PRO A 72 -30.02 9.14 -11.32
C PRO A 72 -29.57 9.21 -12.77
N ASN A 73 -29.26 10.42 -13.23
CA ASN A 73 -28.85 10.61 -14.62
C ASN A 73 -27.54 9.87 -14.91
N ARG A 74 -26.59 9.93 -13.99
CA ARG A 74 -25.33 9.23 -14.19
C ARG A 74 -25.43 7.74 -13.92
N ARG A 75 -26.55 7.27 -13.36
CA ARG A 75 -26.73 5.87 -13.00
C ARG A 75 -27.83 5.20 -13.81
N ARG A 76 -28.19 5.78 -14.95
CA ARG A 76 -29.15 5.15 -15.84
C ARG A 76 -28.60 3.87 -16.47
N ASP A 77 -27.31 3.88 -16.84
CA ASP A 77 -26.71 2.72 -17.50
C ASP A 77 -26.39 1.57 -16.56
N ASP A 78 -26.29 1.83 -15.24
CA ASP A 78 -25.95 0.77 -14.31
C ASP A 78 -27.13 -0.16 -14.02
N LEU A 79 -28.34 0.20 -14.43
CA LEU A 79 -29.50 -0.65 -14.18
C LEU A 79 -29.65 -1.77 -15.22
N GLN A 80 -28.57 -2.06 -15.95
CA GLN A 80 -28.53 -3.20 -16.85
C GLN A 80 -28.62 -4.49 -16.05
N LEU A 81 -29.31 -5.49 -16.62
CA LEU A 81 -29.51 -6.76 -15.94
C LEU A 81 -28.19 -7.47 -15.68
N GLY A 82 -27.99 -7.91 -14.43
CA GLY A 82 -26.80 -8.64 -14.07
C GLY A 82 -25.53 -7.82 -13.97
N SER A 83 -25.62 -6.49 -13.97
CA SER A 83 -24.42 -5.68 -13.89
C SER A 83 -23.88 -5.64 -12.47
N SER A 84 -22.63 -5.20 -12.34
CA SER A 84 -21.97 -5.06 -11.05
C SER A 84 -21.78 -3.60 -10.65
N GLY A 85 -22.70 -2.73 -11.07
CA GLY A 85 -22.61 -1.32 -10.72
C GLY A 85 -22.99 -1.06 -9.28
N PHE A 86 -22.99 0.23 -8.92
CA PHE A 86 -23.32 0.62 -7.56
C PHE A 86 -24.77 0.35 -7.22
N LEU A 87 -25.67 0.51 -8.20
CA LEU A 87 -27.09 0.33 -7.93
C LEU A 87 -27.44 -1.15 -7.75
N GLN A 88 -26.82 -2.02 -8.55
CA GLN A 88 -27.13 -3.44 -8.48
C GLN A 88 -26.30 -4.19 -7.44
N SER A 89 -25.33 -3.53 -6.81
CA SER A 89 -24.55 -4.16 -5.75
C SER A 89 -24.69 -3.48 -4.40
N SER A 90 -25.27 -2.28 -4.33
CA SER A 90 -25.43 -1.60 -3.05
C SER A 90 -26.78 -0.92 -2.86
N ASN A 91 -27.67 -0.95 -3.85
CA ASN A 91 -28.99 -0.36 -3.69
C ASN A 91 -30.10 -1.39 -3.81
N TYR A 92 -30.15 -2.14 -4.92
CA TYR A 92 -31.25 -3.07 -5.16
C TYR A 92 -30.80 -4.08 -6.20
N LYS A 93 -30.69 -5.34 -5.80
CA LYS A 93 -30.37 -6.41 -6.72
C LYS A 93 -31.64 -6.90 -7.42
N ILE A 94 -31.52 -7.16 -8.72
CA ILE A 94 -32.64 -7.65 -9.52
C ILE A 94 -32.42 -9.13 -9.78
N ASP A 95 -33.36 -9.95 -9.31
CA ASP A 95 -33.33 -11.39 -9.54
C ASP A 95 -33.61 -11.68 -11.01
N ILE A 96 -32.59 -12.13 -11.73
CA ILE A 96 -32.74 -12.37 -13.17
C ILE A 96 -33.55 -13.63 -13.44
N SER A 97 -33.53 -14.60 -12.51
CA SER A 97 -34.14 -15.90 -12.75
C SER A 97 -35.65 -15.90 -12.56
N SER A 98 -36.23 -14.84 -12.00
CA SER A 98 -37.65 -14.78 -11.73
C SER A 98 -38.36 -13.95 -12.81
N SER A 99 -39.68 -14.13 -12.89
CA SER A 99 -40.48 -13.41 -13.88
C SER A 99 -40.54 -11.94 -13.49
N SER A 100 -39.87 -11.08 -14.27
CA SER A 100 -39.78 -9.67 -13.96
C SER A 100 -40.02 -8.86 -15.23
N CYS A 101 -40.91 -7.88 -15.15
CA CYS A 101 -41.12 -6.91 -16.22
C CYS A 101 -40.64 -5.55 -15.73
N GLN A 102 -39.66 -4.99 -16.42
CA GLN A 102 -39.12 -3.69 -16.02
C GLN A 102 -39.86 -2.58 -16.75
N LEU A 103 -40.14 -1.49 -16.03
CA LEU A 103 -40.83 -0.35 -16.59
C LEU A 103 -40.02 0.90 -16.33
N TYR A 104 -39.79 1.68 -17.39
CA TYR A 104 -39.11 2.97 -17.32
C TYR A 104 -40.10 4.07 -17.65
N TYR A 105 -40.19 5.06 -16.78
CA TYR A 105 -41.18 6.13 -16.95
C TYR A 105 -40.69 7.35 -16.18
N SER A 106 -41.36 8.46 -16.43
CA SER A 106 -41.02 9.71 -15.75
C SER A 106 -42.28 10.41 -15.28
N LEU A 107 -42.13 11.24 -14.26
CA LEU A 107 -43.20 12.09 -13.75
C LEU A 107 -42.83 13.56 -13.89
N PRO A 108 -43.80 14.45 -14.09
CA PRO A 108 -43.47 15.87 -14.26
C PRO A 108 -42.87 16.48 -13.01
N LEU A 109 -41.96 17.43 -13.21
CA LEU A 109 -41.23 18.04 -12.11
C LEU A 109 -42.08 18.95 -11.26
N VAL A 110 -43.31 19.25 -11.67
CA VAL A 110 -44.19 20.05 -10.82
C VAL A 110 -44.72 19.23 -9.64
N ASN A 111 -45.04 17.97 -9.86
CA ASN A 111 -45.68 17.20 -8.77
C ASN A 111 -44.76 16.06 -8.37
N VAL A 112 -43.48 16.30 -8.13
CA VAL A 112 -42.62 15.19 -7.63
C VAL A 112 -41.79 15.67 -6.45
N THR A 113 -41.92 15.02 -5.31
CA THR A 113 -41.13 15.34 -4.10
C THR A 113 -40.41 14.06 -3.68
N ILE A 114 -39.20 14.13 -3.15
CA ILE A 114 -38.46 12.86 -2.88
C ILE A 114 -38.17 12.69 -1.38
N ASN A 115 -38.67 11.59 -0.76
CA ASN A 115 -38.48 11.30 0.68
C ASN A 115 -37.31 10.34 0.82
N ASN A 116 -36.11 10.86 0.70
CA ASN A 116 -34.90 10.02 0.87
C ASN A 116 -34.89 9.46 2.30
N PHE A 117 -34.37 8.24 2.50
CA PHE A 117 -34.28 7.59 3.84
C PHE A 117 -33.00 6.79 3.90
N ASN A 118 -32.90 5.85 4.85
CA ASN A 118 -31.69 4.99 4.98
C ASN A 118 -32.10 3.74 5.74
N PRO A 119 -32.76 2.78 5.09
CA PRO A 119 -33.28 1.65 5.81
C PRO A 119 -32.13 1.03 6.60
N SER A 120 -32.16 1.10 7.92
CA SER A 120 -31.15 0.38 8.73
C SER A 120 -31.32 0.75 10.19
N SER A 121 -30.90 -0.12 11.10
CA SER A 121 -30.92 0.22 12.53
C SER A 121 -29.48 0.52 12.93
N TRP A 122 -28.52 -0.25 12.41
CA TRP A 122 -27.09 -0.07 12.76
C TRP A 122 -26.68 1.39 12.55
N ASN A 123 -27.27 2.12 11.59
CA ASN A 123 -26.84 3.51 11.30
C ASN A 123 -28.01 4.46 11.51
N ARG A 124 -28.85 4.21 12.49
CA ARG A 124 -29.91 5.21 12.72
C ARG A 124 -30.22 5.28 14.22
N ARG A 125 -29.54 4.47 15.00
CA ARG A 125 -29.71 4.62 16.46
C ARG A 125 -28.54 5.49 16.84
N TYR A 126 -27.57 5.58 15.94
CA TYR A 126 -26.32 6.29 16.24
C TYR A 126 -26.24 7.61 15.48
N GLY A 127 -27.24 8.48 15.60
CA GLY A 127 -27.15 9.83 15.00
C GLY A 127 -27.36 9.84 13.50
N PHE A 128 -28.46 10.44 13.05
CA PHE A 128 -28.74 10.55 11.60
C PHE A 128 -30.05 11.28 11.45
N GLY A 129 -30.43 11.59 10.23
CA GLY A 129 -31.64 12.40 10.08
C GLY A 129 -31.77 12.96 8.68
N SER A 130 -32.38 14.12 8.58
CA SER A 130 -32.64 14.67 7.25
C SER A 130 -31.39 14.52 6.41
N PHE A 131 -31.51 13.93 5.22
CA PHE A 131 -30.35 13.90 4.30
C PHE A 131 -30.21 15.31 3.76
N ASN A 132 -29.24 16.08 4.25
CA ASN A 132 -29.07 17.50 3.85
C ASN A 132 -28.99 17.68 2.33
N LEU A 133 -30.07 18.02 1.65
CA LEU A 133 -29.96 18.27 0.19
C LEU A 133 -31.04 19.22 -0.32
N SER A 134 -31.27 19.26 -1.63
CA SER A 134 -32.20 20.26 -2.21
C SER A 134 -33.55 19.64 -2.55
N SER A 135 -34.38 20.33 -3.31
CA SER A 135 -35.76 19.84 -3.51
C SER A 135 -35.87 18.86 -4.67
N TYR A 136 -34.82 18.14 -5.07
CA TYR A 136 -34.94 17.25 -6.25
C TYR A 136 -33.65 16.45 -6.41
N ASP A 137 -33.28 15.69 -5.39
CA ASP A 137 -32.04 14.86 -5.41
C ASP A 137 -32.41 13.42 -5.08
N VAL A 138 -31.57 12.44 -5.45
CA VAL A 138 -31.91 11.01 -5.25
C VAL A 138 -30.68 10.25 -4.73
N VAL A 139 -30.64 9.95 -3.45
CA VAL A 139 -29.45 9.29 -2.84
C VAL A 139 -29.19 7.96 -3.52
N TYR A 140 -27.95 7.51 -3.52
CA TYR A 140 -27.63 6.18 -4.10
C TYR A 140 -26.36 5.65 -3.45
N SER A 141 -26.44 4.50 -2.80
CA SER A 141 -25.27 3.97 -2.07
C SER A 141 -24.25 3.44 -3.07
N ASP A 142 -22.96 3.53 -2.73
CA ASP A 142 -21.92 3.10 -3.68
C ASP A 142 -21.03 2.04 -3.00
N HIS A 143 -21.47 1.54 -1.84
CA HIS A 143 -20.67 0.54 -1.08
C HIS A 143 -21.37 0.34 0.26
N CYS A 144 -21.95 -0.83 0.48
CA CYS A 144 -22.73 -1.04 1.73
C CYS A 144 -21.88 -1.77 2.78
N PHE A 145 -21.87 -1.26 4.02
CA PHE A 145 -21.06 -1.84 5.11
C PHE A 145 -21.99 -2.41 6.19
N SER A 146 -21.75 -3.64 6.63
CA SER A 146 -22.58 -4.28 7.67
C SER A 146 -21.78 -4.43 8.96
N VAL A 147 -22.44 -4.32 10.10
CA VAL A 147 -21.74 -4.39 11.40
C VAL A 147 -22.54 -5.29 12.33
N ASN A 148 -22.03 -5.51 13.51
CA ASN A 148 -22.68 -6.48 14.41
C ASN A 148 -23.80 -5.81 15.17
N SER A 149 -24.56 -6.59 15.92
CA SER A 149 -25.59 -6.00 16.79
C SER A 149 -24.89 -5.72 18.11
N ASP A 150 -23.74 -5.07 18.07
CA ASP A 150 -23.05 -4.70 19.33
C ASP A 150 -22.02 -3.60 19.10
N PHE A 151 -21.77 -3.19 17.86
CA PHE A 151 -20.72 -2.20 17.56
C PHE A 151 -21.14 -0.86 18.09
N CYS A 152 -20.42 -0.34 19.08
CA CYS A 152 -20.69 1.03 19.56
C CYS A 152 -19.65 1.91 18.89
N PRO A 153 -20.01 2.69 17.86
CA PRO A 153 -19.05 3.47 17.15
C PRO A 153 -18.30 4.21 18.24
N CYS A 154 -19.04 4.72 19.21
CA CYS A 154 -18.39 5.52 20.28
C CYS A 154 -17.35 4.66 21.02
N ALA A 155 -16.21 5.24 21.41
CA ALA A 155 -15.15 4.48 22.06
C ALA A 155 -15.44 4.38 23.56
N ASP A 156 -14.45 4.03 24.37
CA ASP A 156 -14.76 3.82 25.79
C ASP A 156 -14.23 4.98 26.58
N PRO A 157 -15.04 5.56 27.46
CA PRO A 157 -14.54 6.61 28.28
C PRO A 157 -13.18 6.33 28.94
N SER A 158 -12.91 5.14 29.51
CA SER A 158 -11.65 4.91 30.30
C SER A 158 -10.36 4.90 29.47
N VAL A 159 -10.21 4.00 28.50
CA VAL A 159 -9.01 4.01 27.62
C VAL A 159 -8.63 5.47 27.29
N VAL A 160 -9.56 6.35 26.89
CA VAL A 160 -9.22 7.74 26.46
C VAL A 160 -8.86 8.60 27.67
N ASN A 161 -9.54 8.45 28.81
CA ASN A 161 -9.16 9.18 30.04
C ASN A 161 -7.72 8.83 30.40
N SER A 162 -7.05 7.99 29.62
CA SER A 162 -5.66 7.58 29.89
C SER A 162 -4.84 7.56 28.61
N CYS A 163 -5.45 7.89 27.48
CA CYS A 163 -4.68 7.97 26.22
C CYS A 163 -3.85 9.26 26.24
N ALA A 164 -3.14 9.60 25.16
CA ALA A 164 -2.42 10.89 25.16
C ALA A 164 -1.99 11.28 23.75
N LYS A 165 -2.35 10.49 22.76
CA LYS A 165 -2.08 10.94 21.38
C LYS A 165 -3.05 10.19 20.45
N SER A 166 -3.47 10.83 19.38
CA SER A 166 -4.49 10.25 18.48
C SER A 166 -5.81 10.18 19.25
N LYS A 167 -6.01 11.06 20.24
CA LYS A 167 -7.22 11.01 21.11
C LYS A 167 -8.43 10.93 20.22
N PRO A 168 -8.99 9.74 19.98
CA PRO A 168 -10.07 9.64 19.04
C PRO A 168 -11.34 9.90 19.86
N PRO A 169 -12.37 10.55 19.30
CA PRO A 169 -13.54 10.91 20.09
C PRO A 169 -14.14 9.76 20.88
N SER A 170 -14.97 10.05 21.87
CA SER A 170 -15.47 8.96 22.72
C SER A 170 -16.76 9.29 23.46
N ALA A 171 -17.63 8.29 23.67
CA ALA A 171 -18.89 8.48 24.42
C ALA A 171 -19.36 7.19 25.11
N ILE A 172 -20.16 7.28 26.17
CA ILE A 172 -20.73 6.11 26.88
C ILE A 172 -21.66 5.38 25.91
N CYS A 173 -21.40 4.10 25.62
CA CYS A 173 -22.19 3.34 24.63
C CYS A 173 -23.48 2.85 25.28
N PRO A 174 -24.41 2.24 24.53
CA PRO A 174 -25.70 1.92 25.11
C PRO A 174 -25.83 0.55 25.79
N ALA A 175 -26.53 0.48 26.91
CA ALA A 175 -26.72 -0.77 27.68
C ALA A 175 -26.92 -1.95 26.76
N GLY A 176 -25.91 -2.80 26.63
CA GLY A 176 -26.05 -4.02 25.80
C GLY A 176 -25.06 -4.01 24.67
N THR A 177 -24.03 -3.18 24.76
CA THR A 177 -23.11 -3.10 23.61
C THR A 177 -21.66 -3.22 24.07
N LYS A 178 -20.73 -3.29 23.12
CA LYS A 178 -19.31 -3.57 23.48
C LYS A 178 -18.40 -2.45 23.00
N TYR A 179 -17.49 -2.01 23.86
CA TYR A 179 -16.58 -0.89 23.54
C TYR A 179 -15.80 -1.19 22.26
N ARG A 180 -15.38 -0.15 21.55
CA ARG A 180 -14.70 -0.37 20.27
C ARG A 180 -13.29 -0.84 20.57
N HIS A 181 -12.55 -1.24 19.55
CA HIS A 181 -11.21 -1.82 19.85
C HIS A 181 -10.20 -0.69 20.10
N CYS A 182 -9.15 -0.96 20.89
CA CYS A 182 -8.08 0.04 21.14
C CYS A 182 -6.88 -0.67 21.78
N ASP A 183 -5.71 -0.66 21.13
CA ASP A 183 -4.51 -1.40 21.62
C ASP A 183 -3.44 -0.46 22.16
N LEU A 184 -3.55 0.00 23.40
CA LEU A 184 -2.58 0.98 23.92
C LEU A 184 -1.18 0.55 23.48
N ASP A 185 -0.45 1.35 22.68
CA ASP A 185 0.90 1.00 22.14
C ASP A 185 1.99 1.97 22.59
N THR A 186 3.25 1.70 22.22
CA THR A 186 4.36 2.61 22.57
C THR A 186 5.25 2.73 21.34
N THR A 187 5.68 3.94 20.98
CA THR A 187 6.61 4.15 19.85
C THR A 187 7.71 5.07 20.36
N LEU A 188 8.96 4.65 20.26
CA LEU A 188 10.13 5.42 20.74
C LEU A 188 9.85 6.16 22.06
N TYR A 189 9.39 7.42 22.03
CA TYR A 189 9.24 8.23 23.26
C TYR A 189 7.78 8.61 23.53
N VAL A 190 6.91 8.38 22.57
CA VAL A 190 5.48 8.77 22.73
C VAL A 190 4.85 7.62 23.49
N LYS A 191 4.54 7.80 24.76
CA LYS A 191 4.00 6.66 25.54
C LYS A 191 2.48 6.62 25.41
N ASN A 192 1.86 5.56 25.90
CA ASN A 192 0.41 5.35 25.78
C ASN A 192 -0.11 6.00 24.49
N TRP A 193 0.23 5.50 23.31
CA TRP A 193 -0.38 6.02 22.05
C TRP A 193 -1.50 5.10 21.61
N CYS A 194 -2.77 5.54 21.64
CA CYS A 194 -3.91 4.63 21.33
C CYS A 194 -4.28 4.69 19.85
N ARG A 195 -4.22 3.57 19.16
CA ARG A 195 -4.71 3.53 17.78
C ARG A 195 -6.02 2.74 17.80
N CYS A 196 -7.12 3.32 18.30
CA CYS A 196 -8.45 2.66 18.38
C CYS A 196 -8.84 2.10 17.00
N SER A 197 -9.83 1.22 16.89
CA SER A 197 -10.14 0.47 15.64
C SER A 197 -10.70 1.31 14.51
N CYS A 198 -11.00 0.66 13.37
CA CYS A 198 -11.48 1.37 12.16
C CYS A 198 -10.99 2.81 12.21
N LEU A 199 -9.73 3.04 11.86
CA LEU A 199 -9.15 4.39 12.05
C LEU A 199 -9.37 5.32 10.87
N PRO A 200 -8.73 5.11 9.71
CA PRO A 200 -8.79 6.07 8.64
C PRO A 200 -10.23 6.37 8.26
N ASP A 201 -10.78 5.53 7.39
CA ASP A 201 -12.20 5.68 7.00
C ASP A 201 -12.67 4.29 6.60
N PRO A 202 -13.95 3.93 6.78
CA PRO A 202 -14.37 2.59 6.50
C PRO A 202 -13.91 2.13 5.10
N ILE A 203 -13.60 3.04 4.18
CA ILE A 203 -13.26 2.60 2.79
C ILE A 203 -11.75 2.71 2.55
N SER A 204 -10.96 3.08 3.57
CA SER A 204 -9.48 3.11 3.43
C SER A 204 -8.88 2.26 4.54
N THR A 205 -9.71 1.55 5.28
CA THR A 205 -9.17 0.78 6.42
C THR A 205 -8.42 -0.39 5.82
N TYR A 206 -7.09 -0.31 5.84
CA TYR A 206 -6.28 -1.39 5.27
C TYR A 206 -6.43 -2.65 6.11
N SER A 207 -7.19 -2.58 7.20
CA SER A 207 -7.45 -3.79 8.02
C SER A 207 -8.91 -4.22 7.79
N PRO A 208 -9.21 -4.93 6.70
CA PRO A 208 -10.60 -5.24 6.43
C PRO A 208 -11.04 -6.29 7.45
N ASN A 209 -10.14 -6.72 8.34
CA ASN A 209 -10.46 -7.81 9.28
C ASN A 209 -10.58 -7.27 10.71
N THR A 210 -9.77 -6.28 11.09
CA THR A 210 -9.79 -5.77 12.48
C THR A 210 -11.00 -4.83 12.62
N CYS A 211 -11.33 -4.06 11.58
CA CYS A 211 -12.45 -3.08 11.63
C CYS A 211 -13.77 -3.84 11.65
N PRO A 212 -14.53 -3.84 12.76
CA PRO A 212 -15.74 -4.62 12.81
C PRO A 212 -16.65 -4.27 11.63
N GLN A 213 -16.42 -3.15 10.95
CA GLN A 213 -17.27 -2.71 9.81
C GLN A 213 -16.91 -3.52 8.57
N LYS A 214 -17.59 -4.64 8.34
CA LYS A 214 -17.23 -5.50 7.19
C LYS A 214 -18.01 -5.03 5.96
N LYS A 215 -17.48 -5.31 4.77
CA LYS A 215 -18.17 -4.89 3.52
C LYS A 215 -19.13 -6.00 3.09
N VAL A 216 -20.21 -5.65 2.40
CA VAL A 216 -21.24 -6.66 2.02
C VAL A 216 -21.92 -6.22 0.72
N VAL A 217 -22.91 -6.99 0.27
CA VAL A 217 -23.66 -6.68 -0.98
C VAL A 217 -25.14 -6.85 -0.70
N VAL A 218 -26.01 -6.08 -1.34
CA VAL A 218 -27.46 -6.16 -1.05
C VAL A 218 -27.95 -7.51 -1.52
N GLY A 219 -29.27 -7.71 -1.58
CA GLY A 219 -29.75 -9.05 -1.93
C GLY A 219 -31.23 -9.08 -2.25
N ILE A 220 -31.62 -9.91 -3.21
CA ILE A 220 -33.03 -9.96 -3.64
C ILE A 220 -33.90 -9.79 -2.40
N GLY A 221 -34.65 -8.69 -2.33
CA GLY A 221 -35.57 -8.46 -1.20
C GLY A 221 -34.99 -7.61 -0.11
N GLU A 222 -33.70 -7.77 0.19
CA GLU A 222 -33.12 -7.05 1.35
C GLU A 222 -32.40 -5.77 0.90
N HIS A 223 -32.68 -4.66 1.57
CA HIS A 223 -32.07 -3.37 1.22
C HIS A 223 -30.66 -3.32 1.79
N CYS A 224 -30.11 -2.11 1.91
CA CYS A 224 -28.71 -1.99 2.37
C CYS A 224 -28.68 -2.11 3.88
N PRO A 225 -27.82 -2.94 4.48
CA PRO A 225 -27.84 -3.12 5.91
C PRO A 225 -27.28 -1.87 6.57
N GLY A 226 -26.38 -1.17 5.89
CA GLY A 226 -25.73 0.01 6.51
C GLY A 226 -24.76 0.71 5.58
N LEU A 227 -24.44 1.98 5.85
CA LEU A 227 -23.57 2.77 4.95
C LEU A 227 -22.20 2.96 5.59
N GLY A 228 -21.57 4.12 5.48
CA GLY A 228 -20.20 4.27 5.98
C GLY A 228 -20.08 5.33 7.07
N ILE A 229 -19.19 5.14 8.04
CA ILE A 229 -19.08 6.09 9.18
C ILE A 229 -17.61 6.27 9.56
N ASN A 230 -17.02 7.44 9.30
CA ASN A 230 -15.62 7.71 9.72
C ASN A 230 -15.55 7.54 11.22
N GLU A 231 -14.88 6.52 11.69
CA GLU A 231 -14.94 6.24 13.14
C GLU A 231 -14.11 7.24 13.94
N GLU A 232 -13.48 8.22 13.30
CA GLU A 232 -12.76 9.25 14.10
C GLU A 232 -13.66 10.49 14.13
N LYS A 233 -14.89 10.36 13.65
CA LYS A 233 -15.78 11.54 13.53
C LYS A 233 -17.05 11.32 14.35
N CYS A 234 -17.10 10.28 15.15
CA CYS A 234 -18.37 9.98 15.87
C CYS A 234 -18.20 10.21 17.37
N GLY A 235 -18.72 11.32 17.89
CA GLY A 235 -18.73 11.53 19.33
C GLY A 235 -18.17 12.85 19.75
N THR A 236 -18.64 13.41 20.85
CA THR A 236 -17.98 14.61 21.39
C THR A 236 -16.78 14.12 22.21
N GLN A 237 -16.03 15.02 22.84
CA GLN A 237 -14.82 14.64 23.62
C GLN A 237 -15.24 14.66 25.06
N LEU A 238 -16.26 15.43 25.39
CA LEU A 238 -16.78 15.34 26.77
C LEU A 238 -17.08 13.84 26.98
N ASN A 239 -16.91 13.27 28.19
CA ASN A 239 -17.11 11.82 28.49
C ASN A 239 -18.57 11.50 28.83
N HIS A 240 -19.12 11.98 29.96
CA HIS A 240 -20.54 11.77 30.34
C HIS A 240 -21.56 12.24 29.27
N SER A 241 -21.53 11.71 28.05
CA SER A 241 -22.42 12.14 26.95
C SER A 241 -22.79 10.99 26.02
N SER A 242 -24.08 10.73 25.74
CA SER A 242 -24.56 9.57 24.95
C SER A 242 -23.91 9.48 23.56
N CYS A 243 -24.06 8.36 22.85
CA CYS A 243 -23.31 8.15 21.57
C CYS A 243 -23.92 8.95 20.43
N PHE A 244 -24.00 10.27 20.57
CA PHE A 244 -24.50 11.11 19.47
C PHE A 244 -23.49 11.20 18.34
N CYS A 245 -23.55 10.34 17.33
CA CYS A 245 -22.69 10.54 16.13
C CYS A 245 -23.16 11.82 15.43
N SER A 246 -22.43 12.36 14.44
CA SER A 246 -22.79 13.69 13.89
C SER A 246 -23.17 13.61 12.41
N PRO A 247 -24.02 14.51 11.86
CA PRO A 247 -24.50 14.41 10.48
C PRO A 247 -23.43 14.46 9.39
N ASP A 248 -22.21 14.90 9.69
CA ASP A 248 -21.17 15.12 8.64
C ASP A 248 -20.24 13.93 8.53
N ALA A 249 -20.68 12.77 9.02
CA ALA A 249 -19.77 11.62 9.02
C ALA A 249 -20.26 10.59 8.01
N PHE A 250 -21.47 10.77 7.49
CA PHE A 250 -22.04 9.75 6.59
C PHE A 250 -21.30 9.81 5.25
N LEU A 251 -20.32 8.94 5.08
CA LEU A 251 -19.57 8.87 3.81
C LEU A 251 -19.83 7.51 3.17
N GLY A 252 -19.96 7.47 1.84
CA GLY A 252 -20.35 6.24 1.14
C GLY A 252 -21.59 6.56 0.33
N TRP A 253 -22.12 7.78 0.45
CA TRP A 253 -23.34 8.19 -0.29
C TRP A 253 -23.03 9.30 -1.30
N SER A 254 -23.87 9.47 -2.33
CA SER A 254 -23.64 10.50 -3.39
C SER A 254 -24.98 11.08 -3.85
N PHE A 255 -25.04 12.39 -4.12
CA PHE A 255 -26.33 13.02 -4.46
C PHE A 255 -26.41 13.35 -5.96
N ASP A 256 -26.62 12.37 -6.84
CA ASP A 256 -26.84 12.71 -8.27
C ASP A 256 -28.35 12.94 -8.46
N SER A 257 -28.77 13.77 -9.41
CA SER A 257 -30.20 14.18 -9.48
C SER A 257 -31.12 13.21 -10.20
N CYS A 258 -32.24 13.74 -10.69
CA CYS A 258 -33.25 12.88 -11.37
C CYS A 258 -33.87 13.67 -12.51
N ILE A 259 -33.18 14.65 -13.05
CA ILE A 259 -33.88 15.47 -14.08
C ILE A 259 -33.40 15.16 -15.51
N SER A 260 -34.25 14.55 -16.35
CA SER A 260 -33.96 14.38 -17.79
C SER A 260 -34.93 15.31 -18.51
N ASN A 261 -34.98 15.30 -19.84
CA ASN A 261 -35.79 16.32 -20.54
C ASN A 261 -36.92 16.85 -19.62
N ASN A 262 -36.79 18.05 -19.04
CA ASN A 262 -37.79 18.68 -18.11
C ASN A 262 -38.73 17.63 -17.49
N ARG A 263 -38.22 16.51 -16.97
CA ARG A 263 -39.02 15.45 -16.33
C ARG A 263 -38.15 14.53 -15.47
N CYS A 264 -38.64 14.03 -14.32
CA CYS A 264 -37.84 13.17 -13.38
C CYS A 264 -38.00 11.70 -13.74
N ASN A 265 -36.90 10.95 -13.81
CA ASN A 265 -36.93 9.52 -14.26
C ASN A 265 -37.19 8.57 -13.08
N ILE A 266 -38.02 7.53 -13.26
CA ILE A 266 -38.25 6.49 -12.20
C ILE A 266 -38.22 5.10 -12.87
N PHE A 267 -37.96 4.01 -12.12
CA PHE A 267 -37.81 2.66 -12.72
C PHE A 267 -38.72 1.69 -11.99
N SER A 268 -38.79 0.43 -12.40
CA SER A 268 -39.57 -0.58 -11.63
C SER A 268 -39.19 -2.00 -12.09
N ASN A 269 -39.22 -2.97 -11.18
CA ASN A 269 -38.84 -4.36 -11.53
C ASN A 269 -39.99 -5.26 -11.13
N PHE A 270 -41.19 -4.84 -11.46
CA PHE A 270 -42.40 -5.65 -11.15
C PHE A 270 -42.01 -7.12 -11.05
N ILE A 271 -41.76 -7.61 -9.84
CA ILE A 271 -41.46 -9.06 -9.66
C ILE A 271 -42.81 -9.74 -9.77
N PHE A 272 -42.86 -10.92 -10.35
CA PHE A 272 -44.17 -11.55 -10.58
C PHE A 272 -44.29 -12.82 -9.75
N ASN A 273 -45.27 -13.65 -10.08
CA ASN A 273 -45.53 -14.84 -9.27
C ASN A 273 -46.83 -15.45 -9.72
N GLY A 274 -46.83 -16.72 -10.08
CA GLY A 274 -48.08 -17.42 -10.39
C GLY A 274 -48.61 -17.18 -11.78
N ILE A 275 -47.90 -17.61 -12.82
CA ILE A 275 -48.48 -17.46 -14.18
C ILE A 275 -49.69 -18.38 -14.27
N ASN A 276 -50.60 -18.09 -15.18
CA ASN A 276 -51.88 -18.84 -15.28
C ASN A 276 -52.35 -19.27 -13.89
N SER A 277 -52.21 -18.42 -12.87
CA SER A 277 -52.77 -18.78 -11.54
C SER A 277 -52.97 -17.58 -10.60
N GLY A 278 -54.15 -17.45 -10.01
CA GLY A 278 -54.40 -16.37 -9.02
C GLY A 278 -55.85 -15.90 -9.00
N THR A 279 -56.16 -14.83 -8.25
CA THR A 279 -57.50 -14.19 -8.30
C THR A 279 -57.27 -12.69 -8.52
N THR A 280 -56.04 -12.29 -8.85
CA THR A 280 -55.71 -10.90 -9.20
C THR A 280 -55.62 -10.78 -10.72
N CYS A 281 -56.67 -11.14 -11.43
CA CYS A 281 -56.59 -11.20 -12.91
C CYS A 281 -56.89 -9.83 -13.56
N SER A 282 -57.26 -9.78 -14.85
CA SER A 282 -57.39 -8.49 -15.57
C SER A 282 -58.51 -8.52 -16.61
N ASN A 283 -58.81 -7.37 -17.24
CA ASN A 283 -59.91 -7.27 -18.24
C ASN A 283 -59.27 -7.04 -19.61
N ASP A 284 -57.94 -6.96 -19.67
CA ASP A 284 -57.24 -6.81 -20.96
C ASP A 284 -57.91 -7.64 -22.06
N LEU A 285 -59.13 -8.11 -21.88
CA LEU A 285 -59.81 -8.82 -22.99
C LEU A 285 -61.16 -9.35 -22.52
N PRO B 21 37.18 11.32 5.13
CA PRO B 21 35.88 10.70 4.84
C PRO B 21 34.81 11.72 4.52
N SER B 22 34.33 12.44 5.54
CA SER B 22 33.26 13.42 5.34
C SER B 22 33.72 14.61 4.49
N ASN B 23 35.03 14.83 4.38
CA ASN B 23 35.57 15.89 3.52
C ASN B 23 35.48 15.56 2.04
N TRP B 24 35.10 14.34 1.69
CA TRP B 24 35.04 13.91 0.29
C TRP B 24 33.69 14.27 -0.32
N CYS B 25 33.72 14.84 -1.53
CA CYS B 25 32.53 15.19 -2.31
C CYS B 25 31.60 16.13 -1.53
N ASP B 26 32.12 17.31 -1.21
CA ASP B 26 31.32 18.34 -0.56
C ASP B 26 31.34 19.69 -1.27
N GLY B 27 32.07 19.84 -2.38
CA GLY B 27 32.17 21.09 -3.08
C GLY B 27 33.25 22.03 -2.59
N VAL B 28 33.99 21.68 -1.54
CA VAL B 28 35.06 22.50 -1.01
C VAL B 28 36.35 21.70 -1.07
N SER B 29 37.40 22.32 -1.60
CA SER B 29 38.69 21.65 -1.68
C SER B 29 39.38 21.70 -0.33
N HIS B 30 39.80 20.53 0.16
CA HIS B 30 40.46 20.42 1.46
C HIS B 30 41.97 20.28 1.32
N CYS B 31 42.43 19.26 0.59
CA CYS B 31 43.85 19.11 0.34
C CYS B 31 44.32 20.16 -0.67
N PRO B 32 45.60 20.56 -0.62
CA PRO B 32 46.10 21.56 -1.57
C PRO B 32 46.02 21.14 -3.03
N GLY B 33 46.18 19.85 -3.31
CA GLY B 33 46.08 19.38 -4.69
C GLY B 33 44.66 19.32 -5.22
N GLY B 34 43.67 19.28 -4.34
CA GLY B 34 42.29 19.26 -4.78
C GLY B 34 41.81 17.93 -5.32
N GLU B 35 42.32 16.82 -4.79
CA GLU B 35 41.86 15.50 -5.24
C GLU B 35 40.45 15.18 -4.71
N ASP B 36 39.98 15.92 -3.71
CA ASP B 36 38.67 15.64 -3.14
C ASP B 36 37.54 15.89 -4.14
N GLU B 37 37.65 16.95 -4.94
CA GLU B 37 36.60 17.28 -5.92
C GLU B 37 36.89 16.76 -7.32
N ASN B 38 38.16 16.65 -7.71
CA ASN B 38 38.50 16.18 -9.04
C ASN B 38 38.31 14.68 -9.21
N ARG B 39 38.29 13.92 -8.12
CA ARG B 39 38.14 12.47 -8.19
C ARG B 39 36.81 11.97 -7.65
N CYS B 40 35.80 12.84 -7.58
CA CYS B 40 34.47 12.40 -7.17
C CYS B 40 33.85 11.54 -8.27
N VAL B 41 33.60 10.27 -7.95
CA VAL B 41 33.14 9.28 -8.91
C VAL B 41 31.98 8.51 -8.31
N ARG B 42 30.96 8.25 -9.12
CA ARG B 42 29.88 7.36 -8.72
C ARG B 42 29.29 6.73 -9.97
N LEU B 43 28.54 5.66 -9.77
CA LEU B 43 27.82 5.02 -10.85
C LEU B 43 26.43 5.64 -10.98
N TYR B 44 25.63 5.14 -11.91
CA TYR B 44 24.29 5.66 -12.12
C TYR B 44 23.44 4.61 -12.82
N GLY B 45 22.16 4.57 -12.48
CA GLY B 45 21.20 3.79 -13.22
C GLY B 45 21.28 2.30 -12.97
N PRO B 46 20.23 1.57 -13.36
CA PRO B 46 20.28 0.10 -13.30
C PRO B 46 21.29 -0.51 -14.26
N ASN B 47 21.69 0.20 -15.31
CA ASN B 47 22.67 -0.32 -16.27
C ASN B 47 24.09 0.15 -15.97
N PHE B 48 24.29 0.78 -14.82
CA PHE B 48 25.62 1.13 -14.27
C PHE B 48 26.39 2.09 -15.19
N ILE B 49 25.79 3.23 -15.50
CA ILE B 49 26.44 4.24 -16.32
C ILE B 49 27.33 5.10 -15.44
N LEU B 50 28.61 5.18 -15.77
CA LEU B 50 29.57 5.92 -14.95
C LEU B 50 29.36 7.43 -15.07
N GLN B 51 29.53 8.13 -13.95
CA GLN B 51 29.50 9.58 -13.89
C GLN B 51 30.76 10.10 -13.23
N VAL B 52 31.16 11.31 -13.63
CA VAL B 52 32.29 12.01 -13.03
C VAL B 52 31.86 13.44 -12.72
N TYR B 53 32.09 13.88 -11.48
CA TYR B 53 31.68 15.21 -11.06
C TYR B 53 32.56 16.27 -11.70
N SER B 54 31.94 17.24 -12.36
CA SER B 54 32.64 18.34 -13.00
C SER B 54 32.69 19.52 -12.03
N SER B 55 33.90 19.90 -11.61
CA SER B 55 34.05 21.00 -10.67
C SER B 55 33.74 22.35 -11.30
N GLN B 56 33.84 22.48 -12.62
CA GLN B 56 33.59 23.77 -13.26
C GLN B 56 32.10 24.10 -13.35
N ARG B 57 31.24 23.09 -13.46
CA ARG B 57 29.80 23.32 -13.57
C ARG B 57 28.99 22.74 -12.43
N LYS B 58 29.65 22.09 -11.45
CA LYS B 58 29.00 21.57 -10.24
C LYS B 58 27.89 20.57 -10.57
N SER B 59 28.17 19.66 -11.51
CA SER B 59 27.18 18.69 -11.93
C SER B 59 27.88 17.40 -12.35
N TRP B 60 27.11 16.32 -12.36
CA TRP B 60 27.59 15.01 -12.73
C TRP B 60 27.33 14.74 -14.21
N HIS B 61 28.34 14.27 -14.92
CA HIS B 61 28.21 14.00 -16.35
C HIS B 61 28.81 12.64 -16.68
N PRO B 62 28.22 11.91 -17.61
CA PRO B 62 28.73 10.58 -17.95
C PRO B 62 29.98 10.66 -18.81
N VAL B 63 30.57 9.49 -19.05
CA VAL B 63 31.86 9.38 -19.73
C VAL B 63 31.66 8.72 -21.08
N CYS B 64 32.56 9.03 -22.01
CA CYS B 64 32.54 8.47 -23.35
C CYS B 64 33.26 7.13 -23.39
N GLN B 65 32.81 6.26 -24.30
CA GLN B 65 33.51 5.02 -24.59
C GLN B 65 34.77 5.27 -25.43
N ASP B 66 34.87 6.43 -26.07
CA ASP B 66 35.93 6.70 -27.03
C ASP B 66 37.30 6.75 -26.38
N ASP B 67 38.25 6.00 -26.95
CA ASP B 67 39.66 6.01 -26.54
C ASP B 67 39.82 5.67 -25.07
N TRP B 68 39.13 4.62 -24.64
CA TRP B 68 39.17 4.16 -23.26
C TRP B 68 39.60 2.70 -23.24
N ASN B 69 40.59 2.38 -22.42
CA ASN B 69 41.04 1.01 -22.23
C ASN B 69 40.93 0.62 -20.76
N GLU B 70 40.93 -0.69 -20.53
CA GLU B 70 40.55 -1.27 -19.23
C GLU B 70 41.46 -0.84 -18.08
N ASN B 71 42.66 -0.33 -18.37
CA ASN B 71 43.53 0.14 -17.30
C ASN B 71 42.95 1.34 -16.57
N TYR B 72 42.19 2.18 -17.27
CA TYR B 72 41.52 3.30 -16.60
C TYR B 72 40.38 2.81 -15.72
N GLY B 73 39.77 1.66 -16.07
CA GLY B 73 38.77 1.07 -15.20
C GLY B 73 39.32 0.58 -13.88
N ARG B 74 40.60 0.18 -13.87
CA ARG B 74 41.26 -0.15 -12.62
C ARG B 74 41.32 1.07 -11.69
N ALA B 75 41.64 2.23 -12.26
CA ALA B 75 41.78 3.43 -11.45
C ALA B 75 40.42 3.97 -11.01
N ALA B 76 39.37 3.73 -11.81
CA ALA B 76 38.05 4.24 -11.45
C ALA B 76 37.47 3.46 -10.27
N CYS B 77 37.58 2.13 -10.29
CA CYS B 77 37.04 1.33 -9.20
C CYS B 77 37.85 1.53 -7.93
N ARG B 78 39.17 1.79 -8.07
CA ARG B 78 40.02 2.02 -6.91
C ARG B 78 39.62 3.29 -6.16
N ASP B 79 39.27 4.34 -6.90
CA ASP B 79 38.83 5.58 -6.27
C ASP B 79 37.37 5.52 -5.85
N MET B 80 36.68 4.42 -6.17
CA MET B 80 35.28 4.21 -5.83
C MET B 80 35.14 3.24 -4.65
N GLY B 81 36.15 3.17 -3.80
CA GLY B 81 36.13 2.31 -2.64
C GLY B 81 35.98 0.84 -2.92
N TYR B 82 36.34 0.40 -4.13
CA TYR B 82 36.27 -1.00 -4.54
C TYR B 82 37.64 -1.62 -4.76
N LYS B 83 38.71 -0.85 -4.54
CA LYS B 83 40.12 -1.28 -4.62
C LYS B 83 40.38 -1.93 -5.99
N ASN B 84 40.99 -3.10 -6.06
CA ASN B 84 41.36 -3.70 -7.33
C ASN B 84 40.25 -4.51 -7.98
N ASN B 85 39.17 -4.81 -7.25
CA ASN B 85 38.02 -5.51 -7.81
C ASN B 85 37.54 -4.87 -9.11
N PHE B 86 37.34 -5.69 -10.13
CA PHE B 86 36.86 -5.20 -11.42
C PHE B 86 36.24 -6.38 -12.17
N TYR B 87 34.91 -6.38 -12.32
CA TYR B 87 34.24 -7.50 -12.99
C TYR B 87 34.28 -7.36 -14.50
N SER B 88 33.66 -6.31 -15.04
CA SER B 88 33.58 -6.14 -16.49
C SER B 88 33.25 -4.68 -16.80
N SER B 89 33.45 -4.31 -18.06
CA SER B 89 33.14 -2.95 -18.51
C SER B 89 32.88 -2.96 -20.01
N GLN B 90 31.73 -2.43 -20.41
CA GLN B 90 31.41 -2.32 -21.82
C GLN B 90 30.59 -1.05 -22.05
N GLY B 91 30.45 -0.68 -23.31
CA GLY B 91 29.79 0.56 -23.70
C GLY B 91 28.32 0.31 -24.04
N ILE B 92 27.46 1.22 -23.57
CA ILE B 92 26.02 1.13 -23.80
C ILE B 92 25.50 2.45 -24.32
N VAL B 93 24.34 2.39 -24.98
CA VAL B 93 23.68 3.59 -25.51
C VAL B 93 23.17 4.44 -24.36
N ASP B 94 23.40 5.74 -24.45
CA ASP B 94 23.05 6.65 -23.37
C ASP B 94 21.54 6.73 -23.18
N ASP B 95 21.12 6.83 -21.91
CA ASP B 95 19.70 6.85 -21.57
C ASP B 95 19.32 7.94 -20.57
N SER B 96 20.28 8.58 -19.92
CA SER B 96 19.97 9.60 -18.92
C SER B 96 19.63 10.95 -19.53
N GLY B 97 19.82 11.13 -20.84
CA GLY B 97 19.47 12.38 -21.47
C GLY B 97 20.42 13.51 -21.16
N SER B 98 21.66 13.21 -20.77
CA SER B 98 22.62 14.26 -20.46
C SER B 98 23.05 14.99 -21.72
N THR B 99 23.31 16.28 -21.58
CA THR B 99 23.69 17.11 -22.71
C THR B 99 25.19 17.10 -22.95
N SER B 100 25.98 16.72 -21.95
CA SER B 100 27.43 16.74 -22.05
C SER B 100 27.99 15.40 -21.56
N PHE B 101 29.14 15.03 -22.10
CA PHE B 101 29.81 13.80 -21.73
C PHE B 101 31.29 14.10 -21.53
N MET B 102 31.89 13.45 -20.55
CA MET B 102 33.34 13.51 -20.39
C MET B 102 34.02 12.78 -21.55
N LYS B 103 35.11 13.35 -22.04
CA LYS B 103 35.88 12.77 -23.14
C LYS B 103 37.33 12.62 -22.74
N LEU B 104 37.86 11.41 -22.90
CA LEU B 104 39.26 11.12 -22.64
C LEU B 104 40.14 11.56 -23.79
N ASN B 105 41.42 11.75 -23.48
CA ASN B 105 42.44 12.05 -24.47
C ASN B 105 43.66 11.18 -24.18
N THR B 106 44.30 10.70 -25.24
CA THR B 106 45.50 9.88 -25.11
C THR B 106 46.78 10.65 -25.37
N SER B 107 46.69 11.93 -25.74
CA SER B 107 47.88 12.73 -25.97
C SER B 107 48.62 13.08 -24.68
N ALA B 108 47.92 13.10 -23.54
CA ALA B 108 48.55 13.41 -22.27
C ALA B 108 49.39 12.24 -21.79
N GLY B 109 50.63 12.52 -21.39
CA GLY B 109 51.53 11.52 -20.88
C GLY B 109 51.36 11.14 -19.43
N ASN B 110 50.43 11.80 -18.73
CA ASN B 110 50.18 11.52 -17.33
C ASN B 110 49.40 10.21 -17.14
N VAL B 111 49.41 9.72 -15.90
CA VAL B 111 48.81 8.43 -15.58
C VAL B 111 47.48 8.56 -14.85
N ASP B 112 47.02 9.77 -14.57
CA ASP B 112 45.78 9.96 -13.84
C ASP B 112 44.65 10.18 -14.83
N ILE B 113 43.51 9.51 -14.58
CA ILE B 113 42.41 9.57 -15.53
C ILE B 113 41.68 10.92 -15.48
N TYR B 114 41.60 11.55 -14.31
CA TYR B 114 40.75 12.72 -14.15
C TYR B 114 41.34 13.97 -14.78
N LYS B 115 42.66 14.09 -14.84
CA LYS B 115 43.27 15.14 -15.64
C LYS B 115 43.14 14.87 -17.15
N LYS B 116 42.84 13.63 -17.54
CA LYS B 116 42.62 13.29 -18.94
C LYS B 116 41.20 13.56 -19.43
N LEU B 117 40.23 13.76 -18.54
CA LEU B 117 38.84 14.00 -18.96
C LEU B 117 38.59 15.48 -19.22
N TYR B 118 37.86 15.74 -20.29
CA TYR B 118 37.41 17.08 -20.64
C TYR B 118 36.02 16.97 -21.26
N HIS B 119 35.30 18.09 -21.24
CA HIS B 119 33.92 18.09 -21.70
C HIS B 119 33.87 18.05 -23.23
N SER B 120 32.86 17.35 -23.74
CA SER B 120 32.59 17.31 -25.17
C SER B 120 31.09 17.17 -25.38
N ASP B 121 30.63 17.62 -26.55
CA ASP B 121 29.20 17.60 -26.84
C ASP B 121 28.67 16.18 -27.01
N ALA B 122 29.41 15.32 -27.72
CA ALA B 122 28.97 13.95 -27.94
C ALA B 122 30.18 13.08 -28.21
N CYS B 123 29.99 11.77 -28.02
CA CYS B 123 31.03 10.79 -28.30
C CYS B 123 30.88 10.29 -29.73
N SER B 124 32.01 9.88 -30.32
CA SER B 124 31.98 9.42 -31.70
C SER B 124 31.30 8.06 -31.83
N SER B 125 31.41 7.21 -30.80
CA SER B 125 30.83 5.88 -30.82
C SER B 125 29.38 5.87 -30.38
N LYS B 126 28.83 7.02 -30.00
CA LYS B 126 27.44 7.18 -29.56
C LYS B 126 27.11 6.27 -28.37
N ALA B 127 28.08 6.10 -27.47
CA ALA B 127 27.90 5.19 -26.36
C ALA B 127 28.55 5.76 -25.10
N VAL B 128 28.00 5.38 -23.96
CA VAL B 128 28.53 5.71 -22.64
C VAL B 128 28.90 4.40 -21.96
N VAL B 129 29.71 4.49 -20.93
CA VAL B 129 30.39 3.33 -20.37
C VAL B 129 29.54 2.70 -19.27
N SER B 130 29.38 1.39 -19.33
CA SER B 130 28.76 0.60 -18.28
C SER B 130 29.87 -0.06 -17.48
N LEU B 131 30.10 0.41 -16.26
CA LEU B 131 31.20 -0.07 -15.43
C LEU B 131 30.67 -1.01 -14.36
N ARG B 132 31.26 -2.21 -14.30
CA ARG B 132 30.96 -3.17 -13.25
C ARG B 132 32.25 -3.45 -12.48
N CYS B 133 32.26 -3.10 -11.20
CA CYS B 133 33.46 -3.30 -10.39
C CYS B 133 33.45 -4.62 -9.63
N ILE B 134 32.29 -5.27 -9.48
CA ILE B 134 32.21 -6.53 -8.75
C ILE B 134 31.00 -7.30 -9.27
N ALA B 135 31.15 -8.62 -9.34
CA ALA B 135 30.09 -9.52 -9.79
C ALA B 135 29.09 -9.70 -8.66
N CYS B 136 28.05 -8.86 -8.65
CA CYS B 136 27.06 -8.85 -7.59
C CYS B 136 25.66 -8.98 -8.18
N GLY B 137 24.68 -9.10 -7.29
CA GLY B 137 23.28 -9.11 -7.69
C GLY B 137 22.80 -10.32 -8.45
N VAL B 138 23.48 -11.45 -8.31
CA VAL B 138 23.10 -12.68 -9.00
C VAL B 138 23.07 -13.81 -7.98
N ASN B 139 22.02 -14.63 -8.04
CA ASN B 139 21.90 -15.79 -7.16
C ASN B 139 21.39 -16.98 -7.96
N LEU B 140 21.44 -18.15 -7.33
CA LEU B 140 20.90 -19.36 -7.91
C LEU B 140 19.37 -19.27 -7.97
N ASN B 141 18.79 -19.97 -8.94
CA ASN B 141 17.35 -19.91 -9.16
C ASN B 141 16.59 -20.61 -8.03
N SER B 142 15.67 -19.89 -7.41
CA SER B 142 14.85 -20.43 -6.33
C SER B 142 13.38 -20.16 -6.62
N SER B 143 12.54 -21.16 -6.36
CA SER B 143 11.12 -21.06 -6.71
C SER B 143 10.25 -20.57 -5.55
N ARG B 144 10.23 -21.31 -4.45
CA ARG B 144 9.31 -21.05 -3.34
C ARG B 144 10.10 -20.62 -2.11
N GLN B 145 9.95 -19.35 -1.73
CA GLN B 145 10.64 -18.79 -0.55
C GLN B 145 9.78 -17.64 -0.01
N SER B 146 9.00 -17.93 1.02
CA SER B 146 8.20 -16.93 1.72
C SER B 146 8.25 -17.21 3.22
N ARG B 147 9.45 -17.45 3.76
CA ARG B 147 9.61 -18.10 5.05
C ARG B 147 9.35 -17.19 6.25
N ILE B 148 9.27 -15.86 6.05
CA ILE B 148 8.86 -14.97 7.12
C ILE B 148 7.34 -15.16 7.23
N VAL B 149 6.72 -14.64 8.30
CA VAL B 149 5.44 -15.06 8.87
C VAL B 149 4.36 -15.35 7.84
N GLY B 150 3.75 -16.52 7.94
CA GLY B 150 2.76 -16.98 6.99
C GLY B 150 3.34 -17.41 5.65
N GLY B 151 4.07 -18.52 5.65
CA GLY B 151 4.65 -19.00 4.41
C GLY B 151 5.25 -20.38 4.54
N GLU B 152 6.09 -20.72 3.58
CA GLU B 152 6.68 -22.04 3.41
C GLU B 152 8.20 -21.96 3.51
N SER B 153 8.85 -23.12 3.41
CA SER B 153 10.28 -23.23 3.62
C SER B 153 11.07 -22.60 2.47
N ALA B 154 12.36 -22.43 2.69
CA ALA B 154 13.28 -21.78 1.76
C ALA B 154 14.26 -22.79 1.19
N LEU B 155 15.19 -22.28 0.38
CA LEU B 155 16.23 -23.09 -0.26
C LEU B 155 17.56 -22.35 -0.17
N PRO B 156 18.67 -23.09 -0.07
CA PRO B 156 19.97 -22.44 0.03
C PRO B 156 20.41 -21.79 -1.28
N GLY B 157 21.26 -20.77 -1.14
CA GLY B 157 21.87 -20.11 -2.27
C GLY B 157 21.10 -18.94 -2.85
N ALA B 158 19.84 -18.76 -2.48
CA ALA B 158 19.05 -17.67 -3.04
C ALA B 158 19.41 -16.32 -2.44
N TRP B 159 19.91 -16.30 -1.21
CA TRP B 159 20.32 -15.07 -0.55
C TRP B 159 21.75 -15.22 -0.04
N PRO B 160 22.74 -15.21 -0.94
CA PRO B 160 24.12 -15.39 -0.50
C PRO B 160 24.74 -14.16 0.15
N TRP B 161 24.17 -12.96 -0.03
CA TRP B 161 24.72 -11.80 0.66
C TRP B 161 24.38 -11.83 2.15
N GLN B 162 23.29 -12.49 2.53
CA GLN B 162 22.82 -12.46 3.90
C GLN B 162 23.78 -13.21 4.81
N VAL B 163 24.23 -12.53 5.87
CA VAL B 163 25.09 -13.12 6.90
C VAL B 163 24.50 -12.80 8.25
N SER B 164 24.91 -13.56 9.25
CA SER B 164 24.48 -13.35 10.63
C SER B 164 25.65 -12.91 11.48
N LEU B 165 25.40 -12.00 12.41
CA LEU B 165 26.42 -11.46 13.29
C LEU B 165 26.12 -11.88 14.72
N HIS B 166 27.13 -12.38 15.42
CA HIS B 166 26.95 -12.99 16.73
C HIS B 166 27.81 -12.27 17.77
N VAL B 167 27.25 -12.14 18.97
CA VAL B 167 27.99 -11.74 20.16
C VAL B 167 27.87 -12.88 21.16
N GLN B 168 29.02 -13.36 21.66
CA GLN B 168 29.10 -14.55 22.50
C GLN B 168 28.43 -15.76 21.84
N ASN B 169 28.65 -15.89 20.53
CA ASN B 169 28.20 -17.01 19.70
C ASN B 169 26.68 -17.20 19.69
N VAL B 170 25.91 -16.15 19.99
CA VAL B 170 24.46 -16.17 19.85
C VAL B 170 24.07 -15.01 18.96
N HIS B 171 22.97 -15.18 18.23
CA HIS B 171 22.57 -14.18 17.24
C HIS B 171 22.02 -12.93 17.91
N VAL B 172 22.39 -11.77 17.36
CA VAL B 172 21.87 -10.48 17.80
C VAL B 172 21.23 -9.72 16.63
N CYS B 173 21.97 -9.56 15.53
CA CYS B 173 21.47 -8.84 14.38
C CYS B 173 22.05 -9.48 13.12
N GLY B 174 21.34 -9.30 12.01
CA GLY B 174 21.76 -9.83 10.72
C GLY B 174 22.72 -8.90 10.02
N GLY B 175 23.07 -9.28 8.79
CA GLY B 175 23.98 -8.49 7.98
C GLY B 175 23.93 -8.87 6.53
N SER B 176 24.34 -7.94 5.69
CA SER B 176 24.46 -8.16 4.25
C SER B 176 25.82 -7.65 3.77
N ILE B 177 26.37 -8.32 2.78
CA ILE B 177 27.70 -8.00 2.28
C ILE B 177 27.60 -7.27 0.95
N ILE B 178 28.56 -6.39 0.71
CA ILE B 178 28.67 -5.70 -0.57
C ILE B 178 30.05 -5.86 -1.21
N THR B 179 31.07 -6.23 -0.46
CA THR B 179 32.42 -6.51 -0.94
C THR B 179 32.91 -7.74 -0.20
N PRO B 180 34.06 -8.34 -0.56
CA PRO B 180 34.59 -9.43 0.26
C PRO B 180 34.96 -9.03 1.69
N GLU B 181 35.16 -7.74 1.98
CA GLU B 181 35.71 -7.35 3.26
C GLU B 181 34.74 -6.56 4.14
N TRP B 182 33.56 -6.19 3.65
CA TRP B 182 32.69 -5.29 4.38
C TRP B 182 31.30 -5.89 4.55
N ILE B 183 30.69 -5.62 5.69
CA ILE B 183 29.34 -6.08 6.02
C ILE B 183 28.57 -4.89 6.58
N VAL B 184 27.38 -4.63 6.04
CA VAL B 184 26.56 -3.53 6.50
C VAL B 184 25.43 -4.08 7.37
N THR B 185 25.05 -3.30 8.38
CA THR B 185 24.00 -3.67 9.34
C THR B 185 23.53 -2.40 10.04
N ALA B 186 22.77 -2.56 11.11
CA ALA B 186 22.17 -1.45 11.82
C ALA B 186 23.05 -0.99 12.99
N ALA B 187 23.00 0.31 13.26
CA ALA B 187 23.84 0.91 14.30
C ALA B 187 23.34 0.60 15.70
N HIS B 188 22.04 0.34 15.87
CA HIS B 188 21.52 0.05 17.20
C HIS B 188 22.03 -1.29 17.74
N CYS B 189 22.45 -2.20 16.86
CA CYS B 189 23.05 -3.44 17.33
C CYS B 189 24.47 -3.20 17.84
N VAL B 190 25.16 -2.19 17.30
CA VAL B 190 26.55 -1.90 17.66
C VAL B 190 26.63 -0.74 18.66
N GLU B 191 25.50 -0.35 19.25
CA GLU B 191 25.47 0.72 20.24
C GLU B 191 26.27 0.34 21.48
N LYS B 192 26.61 1.35 22.28
CA LYS B 192 27.46 1.14 23.44
C LYS B 192 26.73 0.27 24.47
N PRO B 193 27.46 -0.61 25.18
CA PRO B 193 28.90 -0.85 25.15
C PRO B 193 29.33 -1.92 24.15
N LEU B 194 28.56 -2.15 23.08
CA LEU B 194 28.90 -3.14 22.06
C LEU B 194 29.60 -2.49 20.86
N ASN B 195 30.35 -1.41 21.10
CA ASN B 195 31.09 -0.72 20.05
C ASN B 195 32.51 -1.28 19.89
N ASN B 196 32.80 -2.43 20.48
CA ASN B 196 34.12 -3.03 20.37
C ASN B 196 34.07 -4.16 19.37
N PRO B 197 34.95 -4.16 18.35
CA PRO B 197 34.91 -5.23 17.33
C PRO B 197 35.31 -6.61 17.84
N TRP B 198 35.91 -6.72 19.02
CA TRP B 198 36.30 -8.03 19.54
C TRP B 198 35.09 -8.90 19.87
N HIS B 199 33.98 -8.29 20.29
CA HIS B 199 32.80 -9.05 20.68
C HIS B 199 32.05 -9.62 19.50
N TRP B 200 32.14 -8.97 18.34
CA TRP B 200 31.33 -9.38 17.20
C TRP B 200 31.98 -10.53 16.45
N THR B 201 31.15 -11.38 15.86
CA THR B 201 31.61 -12.51 15.06
C THR B 201 30.57 -12.80 13.99
N ALA B 202 30.99 -12.83 12.73
CA ALA B 202 30.10 -12.97 11.60
C ALA B 202 30.23 -14.37 11.01
N PHE B 203 29.10 -14.93 10.58
CA PHE B 203 29.07 -16.22 9.90
C PHE B 203 28.42 -16.03 8.53
N ALA B 204 29.03 -16.61 7.50
CA ALA B 204 28.62 -16.36 6.12
C ALA B 204 28.24 -17.66 5.43
N GLY B 205 27.06 -17.65 4.80
CA GLY B 205 26.65 -18.75 3.94
C GLY B 205 26.12 -19.99 4.62
N ILE B 206 25.73 -19.92 5.89
CA ILE B 206 25.15 -21.05 6.61
C ILE B 206 23.69 -20.75 6.86
N LEU B 207 22.82 -21.69 6.48
CA LEU B 207 21.38 -21.50 6.65
C LEU B 207 20.91 -21.86 8.04
N ARG B 208 21.41 -22.96 8.60
CA ARG B 208 20.98 -23.44 9.91
C ARG B 208 21.79 -22.75 11.01
N GLN B 209 21.08 -22.23 12.02
CA GLN B 209 21.75 -21.62 13.16
C GLN B 209 22.40 -22.65 14.07
N SER B 210 22.06 -23.93 13.93
CA SER B 210 22.74 -24.98 14.67
C SER B 210 24.06 -25.40 14.05
N PHE B 211 24.38 -24.89 12.85
CA PHE B 211 25.60 -25.25 12.16
C PHE B 211 26.66 -24.15 12.16
N MET B 212 26.32 -22.92 12.54
CA MET B 212 27.30 -21.84 12.61
C MET B 212 28.04 -21.81 13.95
N PHE B 213 28.59 -22.94 14.37
CA PHE B 213 29.23 -23.04 15.67
C PHE B 213 30.71 -23.35 15.56
N TYR B 214 31.10 -24.33 14.75
CA TYR B 214 32.46 -24.87 14.74
C TYR B 214 33.25 -24.25 13.60
N GLY B 215 34.03 -23.21 13.90
CA GLY B 215 35.03 -22.70 12.99
C GLY B 215 34.51 -21.96 11.77
N ALA B 216 33.23 -21.61 11.73
CA ALA B 216 32.66 -20.90 10.61
C ALA B 216 32.67 -19.39 10.79
N GLY B 217 33.29 -18.89 11.85
CA GLY B 217 33.21 -17.46 12.14
C GLY B 217 34.16 -16.61 11.33
N TYR B 218 33.74 -15.38 11.07
CA TYR B 218 34.55 -14.34 10.47
C TYR B 218 34.56 -13.15 11.41
N GLN B 219 35.68 -12.94 12.10
CA GLN B 219 35.75 -11.89 13.11
C GLN B 219 35.78 -10.51 12.46
N VAL B 220 35.14 -9.55 13.12
CA VAL B 220 35.10 -8.17 12.65
C VAL B 220 36.29 -7.41 13.24
N GLU B 221 37.08 -6.79 12.37
CA GLU B 221 38.30 -6.11 12.82
C GLU B 221 38.03 -4.71 13.35
N LYS B 222 36.99 -4.04 12.84
CA LYS B 222 36.69 -2.68 13.27
C LYS B 222 35.25 -2.35 12.90
N VAL B 223 34.49 -1.86 13.87
CA VAL B 223 33.10 -1.48 13.64
C VAL B 223 33.04 -0.01 13.27
N ILE B 224 32.18 0.31 12.30
CA ILE B 224 32.00 1.67 11.81
C ILE B 224 30.57 2.08 12.11
N SER B 225 30.40 3.23 12.74
CA SER B 225 29.08 3.77 13.06
C SER B 225 28.91 5.14 12.44
N HIS B 226 27.66 5.50 12.17
CA HIS B 226 27.35 6.78 11.55
C HIS B 226 27.64 7.91 12.53
N PRO B 227 28.34 8.98 12.11
CA PRO B 227 28.68 10.04 13.06
C PRO B 227 27.49 10.83 13.58
N ASN B 228 26.47 11.07 12.75
CA ASN B 228 25.27 11.77 13.16
C ASN B 228 24.14 10.85 13.58
N TYR B 229 24.46 9.61 13.97
CA TYR B 229 23.43 8.68 14.42
C TYR B 229 22.90 9.12 15.79
N ASP B 230 21.58 9.14 15.92
CA ASP B 230 20.92 9.58 17.15
C ASP B 230 19.94 8.51 17.56
N SER B 231 20.02 8.08 18.82
CA SER B 231 19.23 6.96 19.31
C SER B 231 17.84 7.36 19.80
N LYS B 232 17.56 8.65 19.97
CA LYS B 232 16.24 9.06 20.44
C LYS B 232 15.20 8.85 19.35
N THR B 233 15.48 9.30 18.12
CA THR B 233 14.58 9.10 17.01
C THR B 233 15.01 7.93 16.12
N LYS B 234 16.15 7.30 16.45
CA LYS B 234 16.69 6.13 15.75
C LYS B 234 16.93 6.39 14.27
N ASN B 235 17.18 7.64 13.90
CA ASN B 235 17.49 8.04 12.55
C ASN B 235 19.00 7.96 12.29
N ASN B 236 19.35 7.93 11.00
CA ASN B 236 20.73 7.71 10.54
C ASN B 236 21.32 6.41 11.09
N ASP B 237 20.51 5.35 11.07
CA ASP B 237 20.86 4.08 11.68
C ASP B 237 21.55 3.24 10.61
N ILE B 238 22.88 3.34 10.54
CA ILE B 238 23.69 2.52 9.64
C ILE B 238 24.99 2.14 10.35
N ALA B 239 25.53 0.98 9.97
CA ALA B 239 26.72 0.43 10.61
C ALA B 239 27.45 -0.47 9.63
N LEU B 240 28.78 -0.44 9.70
CA LEU B 240 29.63 -1.16 8.74
C LEU B 240 30.67 -2.00 9.49
N MET B 241 30.44 -3.32 9.52
CA MET B 241 31.45 -4.26 10.01
C MET B 241 32.44 -4.62 8.91
N LYS B 242 33.73 -4.58 9.24
CA LYS B 242 34.80 -4.96 8.32
C LYS B 242 35.57 -6.15 8.89
N LEU B 243 35.78 -7.16 8.04
CA LEU B 243 36.47 -8.38 8.43
C LEU B 243 37.97 -8.26 8.15
N GLN B 244 38.76 -9.04 8.89
CA GLN B 244 40.19 -9.14 8.57
C GLN B 244 40.40 -9.86 7.24
N LYS B 245 39.77 -11.03 7.08
CA LYS B 245 39.95 -11.88 5.91
C LYS B 245 38.84 -11.62 4.91
N PRO B 246 39.18 -11.30 3.66
CA PRO B 246 38.16 -11.11 2.63
C PRO B 246 37.41 -12.41 2.37
N LEU B 247 36.11 -12.27 2.09
CA LEU B 247 35.28 -13.45 1.88
C LEU B 247 35.60 -14.09 0.54
N THR B 248 35.85 -15.39 0.55
CA THR B 248 36.11 -16.13 -0.68
C THR B 248 34.78 -16.42 -1.36
N PHE B 249 34.57 -15.85 -2.53
CA PHE B 249 33.28 -15.92 -3.19
C PHE B 249 33.09 -17.26 -3.89
N ASN B 250 31.91 -17.83 -3.73
CA ASN B 250 31.51 -19.07 -4.40
C ASN B 250 30.01 -18.99 -4.65
N ASP B 251 29.40 -20.15 -4.93
CA ASP B 251 27.96 -20.18 -5.19
C ASP B 251 27.14 -19.83 -3.94
N LEU B 252 27.64 -20.17 -2.76
CA LEU B 252 26.90 -19.95 -1.52
C LEU B 252 27.09 -18.56 -0.93
N VAL B 253 28.10 -17.81 -1.36
CA VAL B 253 28.31 -16.45 -0.87
C VAL B 253 28.70 -15.54 -2.04
N LYS B 254 27.85 -14.55 -2.31
CA LYS B 254 28.01 -13.56 -3.37
C LYS B 254 27.53 -12.22 -2.85
N PRO B 255 28.10 -11.11 -3.32
CA PRO B 255 27.69 -9.80 -2.84
C PRO B 255 26.44 -9.29 -3.58
N VAL B 256 25.93 -8.16 -3.10
CA VAL B 256 24.82 -7.47 -3.72
C VAL B 256 25.26 -6.06 -4.08
N CYS B 257 24.86 -5.60 -5.27
CA CYS B 257 25.28 -4.30 -5.76
C CYS B 257 24.63 -3.16 -4.98
N LEU B 258 25.44 -2.18 -4.61
CA LEU B 258 24.92 -0.99 -3.95
C LEU B 258 24.10 -0.17 -4.94
N PRO B 259 22.85 0.18 -4.60
CA PRO B 259 22.02 0.93 -5.55
C PRO B 259 22.52 2.35 -5.77
N ASN B 260 22.19 2.89 -6.94
CA ASN B 260 22.63 4.16 -7.52
C ASN B 260 21.53 5.21 -7.42
N PRO B 261 21.91 6.48 -7.30
CA PRO B 261 20.92 7.55 -7.45
C PRO B 261 20.41 7.64 -8.88
N GLY B 262 19.09 7.76 -9.02
CA GLY B 262 18.49 7.98 -10.32
C GLY B 262 17.59 6.87 -10.85
N MET B 263 17.39 5.79 -10.10
CA MET B 263 16.37 4.81 -10.47
C MET B 263 14.98 5.27 -10.01
N MET B 264 14.00 5.17 -10.90
CA MET B 264 12.61 5.51 -10.55
C MET B 264 11.97 4.29 -9.88
N LEU B 265 12.22 4.18 -8.58
CA LEU B 265 11.61 3.12 -7.77
C LEU B 265 10.11 3.37 -7.67
N GLN B 266 9.33 2.56 -8.36
CA GLN B 266 7.89 2.75 -8.38
C GLN B 266 7.27 2.40 -7.03
N PRO B 267 6.11 2.97 -6.72
CA PRO B 267 5.37 2.53 -5.53
C PRO B 267 4.89 1.10 -5.69
N GLU B 268 4.72 0.42 -4.55
CA GLU B 268 4.19 -0.94 -4.41
C GLU B 268 5.16 -2.00 -4.95
N GLN B 269 6.36 -1.60 -5.40
CA GLN B 269 7.30 -2.50 -6.07
C GLN B 269 7.63 -3.71 -5.22
N LEU B 270 7.55 -4.89 -5.84
CA LEU B 270 7.75 -6.18 -5.17
C LEU B 270 9.19 -6.32 -4.70
N CYS B 271 9.38 -6.25 -3.38
CA CYS B 271 10.70 -6.36 -2.78
C CYS B 271 10.75 -7.60 -1.90
N TRP B 272 11.96 -7.97 -1.50
CA TRP B 272 12.20 -9.14 -0.66
C TRP B 272 12.93 -8.71 0.61
N ILE B 273 12.46 -9.19 1.75
CA ILE B 273 13.17 -9.01 3.01
C ILE B 273 13.63 -10.38 3.49
N SER B 274 14.67 -10.37 4.32
CA SER B 274 15.28 -11.60 4.79
C SER B 274 15.88 -11.38 6.17
N GLY B 275 16.11 -12.47 6.87
CA GLY B 275 16.69 -12.42 8.21
C GLY B 275 16.28 -13.62 9.02
N TRP B 276 16.92 -13.77 10.18
CA TRP B 276 16.64 -14.84 11.11
C TRP B 276 15.63 -14.43 12.18
N GLY B 277 14.70 -13.54 11.85
CA GLY B 277 13.81 -13.01 12.86
C GLY B 277 12.76 -14.00 13.33
N ALA B 278 12.05 -13.61 14.38
CA ALA B 278 11.03 -14.45 14.97
C ALA B 278 9.79 -14.52 14.08
N THR B 279 9.04 -15.61 14.24
CA THR B 279 7.78 -15.79 13.52
C THR B 279 6.63 -15.05 14.18
N GLU B 280 6.83 -14.46 15.35
CA GLU B 280 5.80 -13.69 16.03
C GLU B 280 6.49 -12.72 16.98
N GLU B 281 5.73 -11.74 17.46
CA GLU B 281 6.29 -10.75 18.37
C GLU B 281 6.64 -11.39 19.72
N LYS B 282 7.70 -10.87 20.32
CA LYS B 282 8.34 -11.33 21.56
C LYS B 282 8.79 -12.80 21.52
N GLY B 283 8.80 -13.42 20.33
CA GLY B 283 9.16 -14.82 20.22
C GLY B 283 10.64 -15.04 19.99
N LYS B 284 11.03 -16.31 20.09
CA LYS B 284 12.42 -16.70 19.88
C LYS B 284 12.79 -16.61 18.41
N THR B 285 14.08 -16.40 18.13
CA THR B 285 14.56 -16.28 16.77
C THR B 285 14.43 -17.61 16.03
N SER B 286 14.31 -17.51 14.70
CA SER B 286 14.10 -18.70 13.88
C SER B 286 15.38 -19.52 13.78
N GLU B 287 15.20 -20.85 13.76
CA GLU B 287 16.33 -21.76 13.59
C GLU B 287 16.96 -21.60 12.21
N VAL B 288 16.14 -21.41 11.18
CA VAL B 288 16.60 -21.33 9.79
C VAL B 288 16.32 -19.93 9.28
N LEU B 289 17.17 -19.45 8.37
CA LEU B 289 17.00 -18.15 7.73
C LEU B 289 15.64 -18.07 7.03
N ASN B 290 14.96 -16.95 7.25
CA ASN B 290 13.64 -16.70 6.69
C ASN B 290 13.71 -15.56 5.69
N ALA B 291 12.91 -15.65 4.64
CA ALA B 291 12.87 -14.61 3.61
C ALA B 291 11.54 -14.64 2.90
N ALA B 292 10.85 -13.49 2.84
CA ALA B 292 9.52 -13.41 2.25
C ALA B 292 9.35 -12.10 1.50
N LYS B 293 8.33 -12.07 0.65
CA LYS B 293 8.04 -10.91 -0.18
C LYS B 293 7.24 -9.87 0.60
N VAL B 294 7.65 -8.61 0.46
CA VAL B 294 6.90 -7.46 0.96
C VAL B 294 6.82 -6.41 -0.15
N LEU B 295 6.18 -5.29 0.17
CA LEU B 295 5.98 -4.19 -0.77
C LEU B 295 6.47 -2.88 -0.18
N LEU B 296 6.87 -1.96 -1.05
CA LEU B 296 7.25 -0.62 -0.63
C LEU B 296 6.03 0.16 -0.11
N ILE B 297 6.29 1.04 0.85
CA ILE B 297 5.32 2.02 1.32
C ILE B 297 5.93 3.40 1.11
N GLU B 298 5.19 4.28 0.44
CA GLU B 298 5.71 5.60 0.12
C GLU B 298 5.90 6.44 1.38
N THR B 299 6.98 7.23 1.39
CA THR B 299 7.39 7.90 2.62
C THR B 299 6.42 9.01 3.03
N GLN B 300 5.86 9.74 2.06
CA GLN B 300 4.87 10.76 2.39
C GLN B 300 3.58 10.14 2.88
N ARG B 301 3.31 8.90 2.50
CA ARG B 301 2.22 8.14 3.09
C ARG B 301 2.55 7.72 4.52
N CYS B 302 3.82 7.40 4.79
CA CYS B 302 4.23 6.91 6.10
C CYS B 302 4.42 8.01 7.14
N ASN B 303 4.90 9.20 6.76
CA ASN B 303 5.19 10.23 7.74
C ASN B 303 4.00 11.13 8.06
N SER B 304 2.80 10.75 7.64
CA SER B 304 1.60 11.49 7.98
C SER B 304 1.28 11.35 9.46
N ARG B 305 0.29 12.13 9.91
CA ARG B 305 -0.12 12.16 11.32
C ARG B 305 -0.62 10.79 11.78
N TYR B 306 -0.96 9.91 10.84
CA TYR B 306 -1.66 8.65 11.00
C TYR B 306 -0.75 7.45 11.17
N VAL B 307 0.23 7.28 10.28
CA VAL B 307 1.02 6.05 10.30
C VAL B 307 2.04 6.07 11.42
N TYR B 308 2.86 7.13 11.50
CA TYR B 308 3.84 7.23 12.57
C TYR B 308 3.96 8.63 13.18
N ASP B 309 3.10 9.58 12.80
CA ASP B 309 3.12 10.97 13.25
C ASP B 309 4.50 11.60 13.09
N ASN B 310 4.88 11.77 11.82
CA ASN B 310 6.07 12.52 11.39
C ASN B 310 7.36 11.94 11.98
N LEU B 311 7.38 10.64 12.25
CA LEU B 311 8.56 10.01 12.82
C LEU B 311 9.56 9.60 11.75
N ILE B 312 9.14 9.53 10.50
CA ILE B 312 9.97 9.02 9.41
C ILE B 312 10.82 10.17 8.88
N THR B 313 12.13 10.07 9.07
CA THR B 313 13.07 11.00 8.50
C THR B 313 13.28 10.67 7.02
N PRO B 314 13.78 11.61 6.21
CA PRO B 314 14.11 11.29 4.82
C PRO B 314 15.15 10.19 4.66
N ALA B 315 15.94 9.88 5.68
CA ALA B 315 16.85 8.75 5.68
C ALA B 315 16.20 7.46 6.16
N MET B 316 14.88 7.34 6.03
CA MET B 316 14.14 6.19 6.54
C MET B 316 13.16 5.72 5.48
N ILE B 317 12.87 4.42 5.48
CA ILE B 317 12.01 3.79 4.49
C ILE B 317 10.98 2.92 5.21
N CYS B 318 9.72 3.03 4.81
CA CYS B 318 8.66 2.15 5.29
C CYS B 318 8.37 1.11 4.22
N ALA B 319 8.39 -0.16 4.62
CA ALA B 319 8.14 -1.25 3.68
C ALA B 319 7.30 -2.31 4.34
N GLY B 320 6.56 -3.06 3.51
CA GLY B 320 5.68 -4.11 3.99
C GLY B 320 4.24 -3.86 3.57
N PHE B 321 3.32 -4.43 4.36
CA PHE B 321 1.89 -4.29 4.14
C PHE B 321 1.26 -3.56 5.33
N LEU B 322 0.39 -2.60 5.02
CA LEU B 322 -0.41 -1.98 6.08
C LEU B 322 -1.42 -2.95 6.69
N GLN B 323 -1.82 -3.98 5.94
CA GLN B 323 -2.67 -5.04 6.49
C GLN B 323 -1.90 -6.02 7.37
N GLY B 324 -0.58 -5.97 7.35
CA GLY B 324 0.20 -6.79 8.24
C GLY B 324 0.40 -8.22 7.74
N ASN B 325 0.79 -9.08 8.70
CA ASN B 325 0.96 -10.53 8.58
C ASN B 325 2.20 -10.91 7.76
N VAL B 326 2.84 -9.94 7.12
CA VAL B 326 4.14 -10.13 6.47
C VAL B 326 5.01 -8.95 6.84
N ASP B 327 5.85 -9.09 7.88
CA ASP B 327 6.67 -7.99 8.34
C ASP B 327 7.90 -8.54 9.06
N SER B 328 8.87 -7.65 9.25
CA SER B 328 10.08 -8.00 9.99
C SER B 328 9.77 -8.09 11.48
N CYS B 329 10.71 -8.65 12.24
CA CYS B 329 10.50 -8.87 13.65
C CYS B 329 11.84 -8.65 14.36
N GLN B 330 11.93 -8.96 15.66
CA GLN B 330 13.22 -8.88 16.33
C GLN B 330 14.12 -10.02 15.85
N GLY B 331 15.37 -9.70 15.53
CA GLY B 331 16.27 -10.60 14.87
C GLY B 331 16.35 -10.43 13.37
N ASP B 332 15.32 -9.84 12.76
CA ASP B 332 15.40 -9.44 11.36
C ASP B 332 16.23 -8.18 11.16
N ALA B 333 16.60 -7.48 12.24
CA ALA B 333 17.40 -6.28 12.14
C ALA B 333 18.77 -6.60 11.55
N GLY B 334 19.28 -5.68 10.73
CA GLY B 334 20.47 -5.93 9.95
C GLY B 334 20.24 -6.62 8.64
N GLY B 335 19.03 -7.10 8.37
CA GLY B 335 18.74 -7.80 7.14
C GLY B 335 18.59 -6.88 5.95
N PRO B 336 18.60 -7.47 4.76
CA PRO B 336 18.54 -6.69 3.52
C PRO B 336 17.12 -6.50 3.01
N LEU B 337 16.88 -5.32 2.45
CA LEU B 337 15.69 -5.03 1.66
C LEU B 337 16.10 -5.01 0.20
N VAL B 338 15.78 -6.08 -0.53
CA VAL B 338 16.27 -6.26 -1.88
C VAL B 338 15.10 -6.34 -2.85
N THR B 339 15.34 -5.87 -4.07
CA THR B 339 14.37 -5.90 -5.16
C THR B 339 15.09 -6.40 -6.41
N SER B 340 14.32 -6.93 -7.35
CA SER B 340 14.89 -7.45 -8.58
C SER B 340 14.58 -6.48 -9.71
N LYS B 341 15.62 -6.12 -10.46
CA LYS B 341 15.48 -5.18 -11.57
C LYS B 341 16.64 -5.43 -12.53
N ASN B 342 16.32 -5.78 -13.78
CA ASN B 342 17.30 -6.13 -14.80
C ASN B 342 18.22 -7.26 -14.32
N ASN B 343 17.63 -8.25 -13.65
CA ASN B 343 18.30 -9.44 -13.12
C ASN B 343 19.42 -9.10 -12.13
N ILE B 344 19.37 -7.92 -11.52
CA ILE B 344 20.37 -7.47 -10.55
C ILE B 344 19.66 -7.03 -9.28
N TRP B 345 20.13 -7.53 -8.14
CA TRP B 345 19.53 -7.24 -6.85
C TRP B 345 20.12 -5.94 -6.30
N TRP B 346 19.28 -5.17 -5.60
CA TRP B 346 19.69 -3.87 -5.08
C TRP B 346 19.34 -3.76 -3.61
N LEU B 347 20.32 -3.39 -2.79
CA LEU B 347 20.14 -3.30 -1.34
C LEU B 347 19.68 -1.89 -0.99
N ILE B 348 18.36 -1.69 -1.01
CA ILE B 348 17.82 -0.33 -0.87
C ILE B 348 17.50 0.02 0.58
N GLY B 349 17.47 -0.97 1.47
CA GLY B 349 17.11 -0.68 2.85
C GLY B 349 17.72 -1.66 3.81
N ASP B 350 17.83 -1.21 5.06
CA ASP B 350 18.36 -2.01 6.15
C ASP B 350 17.37 -1.97 7.30
N THR B 351 17.07 -3.13 7.87
CA THR B 351 16.05 -3.24 8.90
C THR B 351 16.52 -2.52 10.16
N SER B 352 15.92 -1.36 10.44
CA SER B 352 16.30 -0.56 11.60
C SER B 352 15.50 -0.96 12.83
N TRP B 353 14.18 -0.86 12.75
CA TRP B 353 13.32 -1.22 13.88
C TRP B 353 11.94 -1.55 13.37
N GLY B 354 11.17 -2.23 14.20
CA GLY B 354 9.82 -2.60 13.82
C GLY B 354 8.89 -2.60 15.02
N SER B 355 7.80 -1.86 14.90
CA SER B 355 6.79 -1.77 15.94
C SER B 355 5.91 -3.01 15.84
N GLY B 356 6.26 -4.04 16.60
CA GLY B 356 5.54 -5.30 16.51
C GLY B 356 5.94 -6.14 15.32
N CYS B 357 5.36 -7.34 15.28
CA CYS B 357 5.63 -8.30 14.22
C CYS B 357 4.32 -8.80 13.61
N ALA B 358 4.26 -8.78 12.28
CA ALA B 358 3.11 -9.27 11.51
C ALA B 358 1.79 -8.61 11.93
N LYS B 359 1.81 -7.29 12.11
CA LYS B 359 0.68 -6.57 12.67
C LYS B 359 0.25 -5.46 11.71
N ALA B 360 -1.05 -5.17 11.69
CA ALA B 360 -1.61 -4.14 10.83
C ALA B 360 -1.37 -2.75 11.41
N TYR B 361 -1.28 -1.76 10.51
CA TYR B 361 -1.11 -0.32 10.75
C TYR B 361 0.25 0.03 11.33
N ARG B 362 1.08 -0.97 11.63
CA ARG B 362 2.41 -0.79 12.16
C ARG B 362 3.43 -1.68 11.42
N PRO B 363 3.78 -1.29 10.19
CA PRO B 363 4.64 -2.14 9.36
C PRO B 363 6.11 -2.02 9.74
N GLY B 364 6.93 -2.77 9.01
CA GLY B 364 8.37 -2.69 9.17
C GLY B 364 8.93 -1.36 8.70
N VAL B 365 9.82 -0.79 9.50
CA VAL B 365 10.45 0.49 9.23
C VAL B 365 11.93 0.25 8.97
N TYR B 366 12.44 0.77 7.86
CA TYR B 366 13.77 0.41 7.39
C TYR B 366 14.61 1.66 7.16
N GLY B 367 15.91 1.52 7.34
CA GLY B 367 16.83 2.62 7.09
C GLY B 367 17.18 2.73 5.62
N ASN B 368 17.20 3.97 5.13
CA ASN B 368 17.44 4.22 3.72
C ASN B 368 18.94 4.12 3.43
N VAL B 369 19.33 3.08 2.69
CA VAL B 369 20.72 2.95 2.26
C VAL B 369 21.06 4.01 1.22
N MET B 370 20.05 4.45 0.45
CA MET B 370 20.29 5.31 -0.70
C MET B 370 20.85 6.67 -0.30
N VAL B 371 20.39 7.21 0.84
CA VAL B 371 20.95 8.45 1.36
C VAL B 371 22.40 8.24 1.78
N PHE B 372 22.77 7.02 2.19
CA PHE B 372 24.07 6.72 2.76
C PHE B 372 24.98 5.96 1.80
N THR B 373 24.64 5.91 0.50
CA THR B 373 25.51 5.24 -0.46
C THR B 373 26.85 5.94 -0.59
N ASP B 374 26.84 7.28 -0.60
CA ASP B 374 28.11 8.00 -0.66
C ASP B 374 28.89 7.91 0.65
N TRP B 375 28.19 7.78 1.78
CA TRP B 375 28.89 7.68 3.06
C TRP B 375 29.61 6.35 3.22
N ILE B 376 29.08 5.28 2.61
CA ILE B 376 29.78 4.00 2.63
C ILE B 376 31.09 4.10 1.87
N TYR B 377 31.09 4.77 0.71
CA TYR B 377 32.30 4.93 -0.08
C TYR B 377 33.36 5.75 0.64
N ARG B 378 32.93 6.71 1.48
CA ARG B 378 33.87 7.52 2.23
C ARG B 378 34.64 6.72 3.27
N GLN B 379 34.00 5.69 3.84
CA GLN B 379 34.69 4.77 4.74
C GLN B 379 35.43 3.66 3.98
N MET B 380 34.96 3.32 2.78
CA MET B 380 35.63 2.30 1.99
C MET B 380 37.02 2.75 1.56
N ARG B 381 37.15 3.99 1.09
CA ARG B 381 38.42 4.46 0.56
C ARG B 381 39.42 4.76 1.67
N ALA B 382 38.96 5.35 2.76
CA ALA B 382 39.86 5.73 3.84
C ALA B 382 40.36 4.53 4.64
N ASP B 383 39.70 3.38 4.52
CA ASP B 383 40.07 2.18 5.27
C ASP B 383 40.26 1.06 4.22
N GLY B 384 41.16 1.35 3.27
CA GLY B 384 41.46 0.42 2.21
C GLY B 384 42.85 -0.19 2.31
C1 NAG C . -49.53 21.59 -9.76
C2 NAG C . -50.95 21.06 -9.89
C3 NAG C . -51.78 22.04 -10.71
C4 NAG C . -51.56 23.44 -10.20
C5 NAG C . -50.11 23.85 -10.45
C6 NAG C . -49.53 24.68 -9.33
C7 NAG C . -51.73 18.76 -10.08
C8 NAG C . -53.06 18.67 -10.75
N2 NAG C . -50.95 19.74 -10.49
O1 NAG C . -49.28 21.93 -8.43
O3 NAG C . -53.15 21.69 -10.63
O4 NAG C . -52.43 24.31 -10.90
O5 NAG C . -49.26 22.70 -10.60
O6 NAG C . -48.14 24.40 -9.19
O7 NAG C . -51.38 17.97 -9.21
H1 NAG C . -48.91 20.86 -10.01
H2 NAG C . -51.34 20.99 -9.00
H3 NAG C . -51.49 21.99 -11.65
H4 NAG C . -51.76 23.49 -9.23
H5 NAG C . -50.08 24.38 -11.28
H61 NAG C . -49.99 24.47 -8.49
H62 NAG C . -49.65 25.63 -9.53
H81 NAG C . -53.04 19.16 -11.59
H82 NAG C . -53.74 19.07 -10.17
H83 NAG C . -53.29 17.74 -10.91
HN2 NAG C . -50.39 19.60 -11.16
HO1 NAG C . -48.48 22.15 -8.35
HO3 NAG C . -53.33 21.57 -9.82
HO4 NAG C . -52.85 23.87 -11.48
HO6 NAG C . -47.84 24.10 -9.93
C1 NAG D . -18.47 -10.94 19.86
C2 NAG D . -19.79 -10.36 19.34
C3 NAG D . -19.64 -9.92 17.88
C4 NAG D . -18.39 -9.09 17.69
C5 NAG D . -17.18 -9.88 18.18
C6 NAG D . -15.87 -9.16 18.00
C7 NAG D . -22.13 -10.96 19.73
C8 NAG D . -23.05 -11.00 18.54
N2 NAG D . -20.86 -11.31 19.48
O1 NAG D . -18.57 -11.11 21.24
O3 NAG D . -20.79 -9.18 17.48
O4 NAG D . -18.24 -8.79 16.30
O5 NAG D . -17.36 -10.12 19.59
O6 NAG D . -15.80 -8.00 18.82
O7 NAG D . -22.51 -10.64 20.84
H1 NAG D . -18.33 -11.82 19.44
H2 NAG D . -19.99 -9.56 19.88
H3 NAG D . -19.57 -10.74 17.33
H4 NAG D . -18.45 -8.25 18.20
H5 NAG D . -17.16 -10.74 17.70
H61 NAG D . -15.75 -8.92 17.07
H62 NAG D . -15.13 -9.77 18.25
H81 NAG D . -22.59 -11.40 17.79
H82 NAG D . -23.32 -10.10 18.31
H83 NAG D . -23.83 -11.53 18.77
HN2 NAG D . -20.67 -12.16 19.39
HO1 NAG D . -19.06 -11.78 21.41
HO3 NAG D . -20.99 -8.66 18.11
HO4 NAG D . -18.07 -9.50 15.89
HO6 NAG D . -16.31 -8.11 19.49
C1 NAG E . -60.01 -1.38 -20.21
C2 NAG E . -60.91 -0.58 -19.26
C3 NAG E . -62.37 -0.79 -19.64
C4 NAG E . -62.59 -0.48 -21.11
C5 NAG E . -61.62 -1.30 -21.95
C6 NAG E . -61.71 -1.00 -23.42
C7 NAG E . -60.52 -0.04 -16.91
C8 NAG E . -61.72 0.24 -16.06
N2 NAG E . -60.70 -0.94 -17.88
O1 NAG E . -58.67 -1.14 -19.89
O3 NAG E . -63.20 0.02 -18.82
O4 NAG E . -63.92 -0.81 -21.46
O5 NAG E . -60.27 -1.01 -21.55
O6 NAG E . -61.10 0.25 -23.73
O7 NAG E . -59.44 0.53 -16.73
H1 NAG E . -60.20 -2.33 -20.09
H2 NAG E . -60.69 0.37 -19.37
H3 NAG E . -62.59 -1.74 -19.48
H4 NAG E . -62.42 0.49 -21.27
H5 NAG E . -61.80 -2.26 -21.80
H61 NAG E . -62.64 -0.99 -23.71
H62 NAG E . -61.24 -1.71 -23.92
H81 NAG E . -62.33 -0.51 -16.12
H82 NAG E . -62.16 1.04 -16.38
H83 NAG E . -61.44 0.35 -15.13
HN2 NAG E . -60.68 -1.78 -17.67
HO1 NAG E . -58.59 -0.35 -19.64
HO3 NAG E . -62.86 0.80 -18.80
HO4 NAG E . -64.00 -1.64 -21.47
HO6 NAG E . -60.66 0.51 -23.06
C1 NAG F . -27.24 22.03 4.25
C2 NAG F . -27.66 23.02 5.34
C3 NAG F . -27.97 24.39 4.74
C4 NAG F . -26.86 24.84 3.80
C5 NAG F . -26.65 23.77 2.75
C6 NAG F . -25.57 24.12 1.75
C7 NAG F . -28.72 21.80 7.18
C8 NAG F . -28.80 22.56 8.46
N2 NAG F . -28.82 22.54 6.06
O1 NAG F . -26.74 20.88 4.87
O3 NAG F . -28.16 25.32 5.79
O4 NAG F . -27.23 26.06 3.18
O5 NAG F . -26.23 22.56 3.41
O6 NAG F . -25.12 22.96 1.06
O7 NAG F . -28.57 20.59 7.14
H1 NAG F . -28.01 21.80 3.71
H2 NAG F . -26.92 23.12 5.98
H3 NAG F . -28.81 24.31 4.22
H4 NAG F . -26.03 24.97 4.32
H5 NAG F . -27.49 23.60 2.28
H61 NAG F . -24.81 24.53 2.23
H62 NAG F . -25.92 24.77 1.11
H81 NAG F . -29.72 22.52 8.80
H82 NAG F . -28.57 23.49 8.31
H83 NAG F . -28.21 22.17 9.10
HN2 NAG F . -29.62 22.74 5.77
HO1 NAG F . -27.38 20.35 5.04
HO3 NAG F . -28.31 24.88 6.49
HO4 NAG F . -27.87 25.91 2.66
HO6 NAG F . -25.58 22.29 1.32
C1 NAG G . 47.90 25.00 -21.01
C2 NAG G . 48.10 23.48 -21.07
C3 NAG G . 46.76 22.78 -21.24
C4 NAG G . 45.75 23.27 -20.20
C5 NAG G . 45.64 24.79 -20.31
C6 NAG G . 44.67 25.41 -19.33
C7 NAG G . 50.14 22.44 -21.93
C8 NAG G . 50.05 21.09 -21.28
N2 NAG G . 48.99 23.07 -22.13
O1 NAG G . 49.10 25.64 -20.71
O3 NAG G . 46.93 21.37 -21.15
O4 NAG G . 44.50 22.66 -20.48
O5 NAG G . 46.93 25.37 -20.03
O6 NAG G . 44.01 24.45 -18.51
O7 NAG G . 51.22 22.92 -22.26
H1 NAG G . 47.59 25.30 -21.90
H2 NAG G . 48.49 23.20 -20.21
H3 NAG G . 46.42 23.00 -22.15
H4 NAG G . 46.06 23.02 -19.29
H5 NAG G . 45.36 25.02 -21.23
H61 NAG G . 44.00 25.93 -19.82
H62 NAG G . 45.16 26.04 -18.75
H81 NAG G . 49.45 20.53 -21.81
H82 NAG G . 49.69 21.18 -20.39
H83 NAG G . 50.93 20.69 -21.24
HN2 NAG G . 48.75 23.25 -22.95
HO1 NAG G . 49.59 25.11 -20.27
HO3 NAG G . 47.28 21.21 -20.40
HO4 NAG G . 44.20 22.96 -21.21
HO6 NAG G . 43.48 24.84 -17.97
C1 NAG H . 45.02 20.61 -21.44
C2 NAG H . 43.92 19.56 -21.32
C3 NAG H . 44.04 18.83 -19.99
C4 NAG H . 45.45 18.31 -19.80
C5 NAG H . 46.41 19.49 -19.87
C6 NAG H . 47.85 19.12 -19.66
C7 NAG H . 41.72 19.75 -22.36
C8 NAG H . 40.73 18.72 -21.90
N2 NAG H . 42.61 20.15 -21.44
O1 NAG H . 44.98 21.16 -22.71
O3 NAG H . 43.09 17.76 -19.95
O4 NAG H . 45.58 17.68 -18.54
O5 NAG H . 46.31 20.07 -21.19
O6 NAG H . 48.17 17.84 -20.20
O7 NAG H . 41.72 20.20 -23.50
H1 NAG H . 44.85 21.34 -20.78
H2 NAG H . 44.04 18.91 -22.04
H3 NAG H . 43.84 19.46 -19.26
H4 NAG H . 45.67 17.65 -20.52
H5 NAG H . 46.14 20.16 -19.21
H61 NAG H . 48.05 19.12 -18.70
H62 NAG H . 48.43 19.79 -20.09
H81 NAG H . 40.56 18.84 -20.95
H82 NAG H . 41.11 17.84 -22.06
H83 NAG H . 39.91 18.82 -22.40
HN2 NAG H . 42.38 20.79 -20.89
HO1 NAG H . 44.73 20.56 -23.27
HO3 NAG H . 43.12 17.37 -20.69
HO4 NAG H . 45.47 18.25 -17.93
HO6 NAG H . 48.95 17.60 -19.93
#